data_6AYI
#
_entry.id   6AYI
#
_cell.length_a   50.997
_cell.length_b   106.744
_cell.length_c   135.249
_cell.angle_alpha   90.000
_cell.angle_beta   90.000
_cell.angle_gamma   90.000
#
_symmetry.space_group_name_H-M   'P 2 21 21'
#
loop_
_entity.id
_entity.type
_entity.pdbx_description
1 polymer 'HTH-type transcriptional regulator UidR'
2 non-polymer '4-nitrophenyl beta-D-glucopyranosiduronic acid'
3 water water
#
_entity_poly.entity_id   1
_entity_poly.type   'polypeptide(L)'
_entity_poly.pdbx_seq_one_letter_code
;SNAMMDNMQTEAQPTRTRILNAAREIFSENGFHSASMKAICKSCAISPGTLYHHFISKEALIQAIILQDQERALARFREP
IEGIHFVDYMVESIVSLTHEAFGQRALVVEIMAEGMRNPQVAAMLKNKHMTITEFVAQRMRDAQQKGEISPDINTAMTSR
LLLDLTYGVLADIEAEDLAREASFAQGLRAMIGGILTAS
;
_entity_poly.pdbx_strand_id   A,B,C,D
#
loop_
_chem_comp.id
_chem_comp.type
_chem_comp.name
_chem_comp.formula
C3G D-saccharide '4-nitrophenyl beta-D-glucopyranosiduronic acid' 'C12 H13 N O9'
#
# COMPACT_ATOMS: atom_id res chain seq x y z
N PRO A 14 -39.01 28.18 -12.99
CA PRO A 14 -37.92 29.16 -12.97
C PRO A 14 -36.89 28.92 -14.07
N THR A 15 -36.31 29.99 -14.61
CA THR A 15 -35.34 29.85 -15.69
C THR A 15 -34.12 29.07 -15.24
N ARG A 16 -33.64 29.31 -14.02
CA ARG A 16 -32.48 28.58 -13.52
C ARG A 16 -32.76 27.08 -13.43
N THR A 17 -34.00 26.70 -13.11
CA THR A 17 -34.34 25.28 -13.05
C THR A 17 -34.46 24.68 -14.44
N ARG A 18 -35.09 25.40 -15.37
CA ARG A 18 -35.18 24.92 -16.75
C ARG A 18 -33.80 24.74 -17.36
N ILE A 19 -32.85 25.63 -17.02
CA ILE A 19 -31.49 25.51 -17.51
C ILE A 19 -30.84 24.24 -16.97
N LEU A 20 -30.96 24.02 -15.65
CA LEU A 20 -30.34 22.86 -15.03
C LEU A 20 -30.95 21.56 -15.57
N ASN A 21 -32.27 21.53 -15.73
CA ASN A 21 -32.92 20.34 -16.29
C ASN A 21 -32.41 20.06 -17.70
N ALA A 22 -32.25 21.11 -18.51
CA ALA A 22 -31.71 20.92 -19.86
C ALA A 22 -30.25 20.52 -19.81
N ALA A 23 -29.48 21.09 -18.88
CA ALA A 23 -28.07 20.74 -18.75
C ALA A 23 -27.91 19.30 -18.28
N ARG A 24 -28.77 18.84 -17.36
CA ARG A 24 -28.71 17.46 -16.91
C ARG A 24 -28.98 16.49 -18.06
N GLU A 25 -29.88 16.87 -18.97
CA GLU A 25 -30.20 16.00 -20.10
C GLU A 25 -29.04 15.94 -21.10
N ILE A 26 -28.42 17.10 -21.39
CA ILE A 26 -27.33 17.13 -22.36
C ILE A 26 -26.07 16.51 -21.79
N PHE A 27 -25.79 16.77 -20.50
CA PHE A 27 -24.58 16.22 -19.89
C PHE A 27 -24.66 14.71 -19.75
N SER A 28 -25.82 14.18 -19.37
CA SER A 28 -25.94 12.74 -19.17
C SER A 28 -25.85 11.98 -20.47
N GLU A 29 -26.40 12.53 -21.55
CA GLU A 29 -26.44 11.83 -22.83
C GLU A 29 -25.13 11.93 -23.61
N ASN A 30 -24.33 12.96 -23.37
CA ASN A 30 -23.14 13.21 -24.18
C ASN A 30 -21.84 13.29 -23.40
N GLY A 31 -21.91 13.47 -22.08
CA GLY A 31 -20.71 13.66 -21.28
C GLY A 31 -20.31 15.13 -21.19
N PHE A 32 -19.30 15.38 -20.36
CA PHE A 32 -18.87 16.76 -20.13
C PHE A 32 -18.20 17.35 -21.36
N HIS A 33 -17.30 16.58 -22.00
CA HIS A 33 -16.50 17.11 -23.09
C HIS A 33 -17.36 17.45 -24.31
N SER A 34 -18.20 16.50 -24.74
CA SER A 34 -18.97 16.66 -25.96
C SER A 34 -20.20 17.55 -25.80
N ALA A 35 -20.57 17.89 -24.57
CA ALA A 35 -21.72 18.76 -24.35
C ALA A 35 -21.34 20.21 -24.61
N SER A 36 -22.25 20.95 -25.25
CA SER A 36 -22.03 22.34 -25.59
C SER A 36 -23.07 23.22 -24.90
N MET A 37 -22.64 24.40 -24.47
CA MET A 37 -23.59 25.38 -23.96
C MET A 37 -24.59 25.79 -25.03
N LYS A 38 -24.19 25.71 -26.30
CA LYS A 38 -25.09 26.02 -27.41
C LYS A 38 -26.28 25.07 -27.43
N ALA A 39 -26.03 23.77 -27.27
CA ALA A 39 -27.12 22.81 -27.28
C ALA A 39 -28.03 22.96 -26.06
N ILE A 40 -27.46 23.37 -24.92
CA ILE A 40 -28.27 23.60 -23.73
C ILE A 40 -29.24 24.75 -23.98
N CYS A 41 -28.78 25.81 -24.65
CA CYS A 41 -29.63 26.96 -24.92
C CYS A 41 -30.81 26.58 -25.80
N LYS A 42 -30.55 25.82 -26.88
CA LYS A 42 -31.63 25.41 -27.76
C LYS A 42 -32.63 24.50 -27.04
N SER A 43 -32.17 23.77 -26.02
CA SER A 43 -33.04 22.82 -25.35
C SER A 43 -34.13 23.53 -24.55
N CYS A 44 -33.78 24.62 -23.86
CA CYS A 44 -34.75 25.37 -23.05
C CYS A 44 -35.13 26.70 -23.69
N ALA A 45 -34.75 26.93 -24.94
CA ALA A 45 -35.19 28.09 -25.73
C ALA A 45 -34.82 29.40 -25.06
N ILE A 46 -33.52 29.60 -24.86
CA ILE A 46 -32.97 30.85 -24.37
C ILE A 46 -31.76 31.21 -25.23
N SER A 47 -31.26 32.42 -25.02
CA SER A 47 -30.05 32.86 -25.70
C SER A 47 -28.83 32.58 -24.83
N PRO A 48 -27.63 32.52 -25.43
CA PRO A 48 -26.42 32.33 -24.61
C PRO A 48 -26.25 33.39 -23.54
N GLY A 49 -26.66 34.64 -23.81
CA GLY A 49 -26.53 35.68 -22.80
C GLY A 49 -27.36 35.40 -21.55
N THR A 50 -28.54 34.81 -21.73
CA THR A 50 -29.35 34.44 -20.58
C THR A 50 -28.72 33.29 -19.82
N LEU A 51 -28.15 32.31 -20.53
CA LEU A 51 -27.46 31.20 -19.87
C LEU A 51 -26.22 31.69 -19.14
N TYR A 52 -25.43 32.55 -19.78
CA TYR A 52 -24.21 33.06 -19.15
C TYR A 52 -24.52 33.84 -17.89
N HIS A 53 -25.67 34.52 -17.85
CA HIS A 53 -26.04 35.30 -16.67
C HIS A 53 -26.25 34.42 -15.46
N HIS A 54 -26.77 33.21 -15.66
CA HIS A 54 -26.99 32.27 -14.57
C HIS A 54 -25.77 31.39 -14.32
N PHE A 55 -25.15 30.86 -15.37
CA PHE A 55 -24.00 29.98 -15.26
C PHE A 55 -22.95 30.42 -16.28
N ILE A 56 -21.83 30.93 -15.79
CA ILE A 56 -20.83 31.52 -16.66
C ILE A 56 -20.00 30.48 -17.41
N SER A 57 -19.93 29.24 -16.91
CA SER A 57 -19.12 28.22 -17.54
C SER A 57 -19.77 26.86 -17.32
N LYS A 58 -19.24 25.86 -18.02
CA LYS A 58 -19.69 24.49 -17.80
C LYS A 58 -19.39 24.03 -16.38
N GLU A 59 -18.26 24.48 -15.82
CA GLU A 59 -17.94 24.14 -14.44
C GLU A 59 -18.94 24.74 -13.47
N ALA A 60 -19.46 25.94 -13.77
CA ALA A 60 -20.49 26.53 -12.92
C ALA A 60 -21.77 25.69 -12.96
N LEU A 61 -22.11 25.15 -14.13
CA LEU A 61 -23.24 24.24 -14.22
C LEU A 61 -23.01 22.98 -13.40
N ILE A 62 -21.81 22.41 -13.49
CA ILE A 62 -21.49 21.19 -12.74
C ILE A 62 -21.59 21.45 -11.24
N GLN A 63 -21.18 22.64 -10.81
CA GLN A 63 -21.27 22.98 -9.40
C GLN A 63 -22.72 22.93 -8.91
N ALA A 64 -23.66 23.46 -9.70
CA ALA A 64 -25.06 23.43 -9.30
C ALA A 64 -25.63 22.02 -9.34
N ILE A 65 -25.22 21.23 -10.34
CA ILE A 65 -25.68 19.84 -10.43
C ILE A 65 -25.15 19.04 -9.25
N ILE A 66 -23.90 19.27 -8.85
CA ILE A 66 -23.32 18.57 -7.71
C ILE A 66 -24.11 18.87 -6.44
N LEU A 67 -24.52 20.12 -6.26
CA LEU A 67 -25.29 20.49 -5.08
C LEU A 67 -26.67 19.82 -5.11
N GLN A 68 -27.26 19.67 -6.30
CA GLN A 68 -28.52 18.94 -6.40
C GLN A 68 -28.35 17.49 -5.98
N ASP A 69 -27.28 16.83 -6.44
CA ASP A 69 -27.03 15.45 -6.06
C ASP A 69 -26.67 15.34 -4.58
N GLN A 70 -25.92 16.31 -4.05
CA GLN A 70 -25.58 16.30 -2.64
C GLN A 70 -26.82 16.39 -1.78
N GLU A 71 -27.79 17.21 -2.18
CA GLU A 71 -29.01 17.37 -1.41
C GLU A 71 -29.84 16.10 -1.39
N ARG A 72 -29.84 15.33 -2.49
CA ARG A 72 -30.53 14.05 -2.49
C ARG A 72 -29.90 13.09 -1.49
N ALA A 73 -28.57 13.13 -1.37
CA ALA A 73 -27.89 12.30 -0.37
C ALA A 73 -28.17 12.80 1.04
N LEU A 74 -28.11 14.12 1.25
CA LEU A 74 -28.37 14.68 2.57
C LEU A 74 -29.83 14.48 2.99
N ALA A 75 -30.74 14.35 2.02
CA ALA A 75 -32.13 14.09 2.35
C ALA A 75 -32.28 12.75 3.06
N ARG A 76 -31.36 11.82 2.83
CA ARG A 76 -31.42 10.50 3.46
C ARG A 76 -30.89 10.50 4.88
N PHE A 77 -30.03 11.46 5.25
CA PHE A 77 -29.31 11.40 6.51
C PHE A 77 -29.41 12.67 7.34
N ARG A 78 -30.22 13.65 6.93
CA ARG A 78 -30.35 14.87 7.71
C ARG A 78 -31.13 14.62 9.00
N GLU A 79 -32.16 13.79 8.93
CA GLU A 79 -32.96 13.57 10.13
C GLU A 79 -32.60 12.24 10.79
N PRO A 80 -32.80 12.13 12.10
CA PRO A 80 -32.45 10.89 12.79
C PRO A 80 -33.20 9.69 12.24
N ILE A 81 -32.55 8.53 12.31
CA ILE A 81 -33.12 7.28 11.83
C ILE A 81 -33.83 6.60 12.98
N GLU A 82 -35.12 6.32 12.81
CA GLU A 82 -35.93 5.69 13.84
C GLU A 82 -36.79 4.59 13.23
N GLY A 83 -37.00 3.52 13.99
CA GLY A 83 -37.81 2.40 13.55
C GLY A 83 -37.08 1.35 12.76
N ILE A 84 -35.83 1.60 12.36
CA ILE A 84 -35.07 0.66 11.55
C ILE A 84 -33.62 0.68 12.02
N HIS A 85 -33.00 -0.49 12.06
CA HIS A 85 -31.59 -0.60 12.41
C HIS A 85 -30.74 0.19 11.42
N PHE A 86 -29.63 0.76 11.93
CA PHE A 86 -28.80 1.61 11.09
C PHE A 86 -28.17 0.83 9.95
N VAL A 87 -27.78 -0.42 10.20
CA VAL A 87 -27.21 -1.26 9.15
C VAL A 87 -28.24 -1.46 8.04
N ASP A 88 -29.47 -1.80 8.41
CA ASP A 88 -30.51 -2.01 7.42
C ASP A 88 -30.91 -0.72 6.72
N TYR A 89 -30.79 0.42 7.41
CA TYR A 89 -31.09 1.69 6.75
C TYR A 89 -30.05 2.01 5.68
N MET A 90 -28.77 1.76 5.97
CA MET A 90 -27.74 1.97 4.96
C MET A 90 -27.93 1.05 3.77
N VAL A 91 -28.28 -0.21 4.02
CA VAL A 91 -28.49 -1.16 2.93
C VAL A 91 -29.70 -0.76 2.10
N GLU A 92 -30.79 -0.34 2.75
CA GLU A 92 -31.97 0.10 2.01
C GLU A 92 -31.68 1.33 1.17
N SER A 93 -30.83 2.23 1.66
CA SER A 93 -30.47 3.41 0.89
C SER A 93 -29.72 3.04 -0.38
N ILE A 94 -28.82 2.05 -0.29
CA ILE A 94 -28.08 1.62 -1.47
C ILE A 94 -29.00 0.87 -2.43
N VAL A 95 -29.90 0.05 -1.91
CA VAL A 95 -30.84 -0.68 -2.75
C VAL A 95 -31.76 0.29 -3.49
N SER A 96 -32.29 1.28 -2.77
CA SER A 96 -33.15 2.27 -3.40
C SER A 96 -32.43 3.06 -4.48
N LEU A 97 -31.11 3.25 -4.32
CA LEU A 97 -30.35 3.98 -5.33
C LEU A 97 -30.33 3.25 -6.67
N THR A 98 -30.29 1.91 -6.64
CA THR A 98 -30.32 1.15 -7.88
C THR A 98 -31.61 1.34 -8.67
N HIS A 99 -32.65 1.90 -8.04
CA HIS A 99 -33.93 2.12 -8.70
C HIS A 99 -34.14 3.55 -9.16
N GLU A 100 -33.17 4.43 -8.93
CA GLU A 100 -33.31 5.81 -9.38
C GLU A 100 -33.17 5.89 -10.89
N ALA A 101 -33.51 7.06 -11.44
CA ALA A 101 -33.43 7.28 -12.87
C ALA A 101 -32.01 7.02 -13.36
N PHE A 102 -31.88 6.19 -14.40
CA PHE A 102 -30.56 5.74 -14.82
C PHE A 102 -29.72 6.90 -15.36
N GLY A 103 -30.35 7.82 -16.10
CA GLY A 103 -29.62 8.99 -16.58
C GLY A 103 -29.10 9.85 -15.46
N GLN A 104 -29.78 9.85 -14.32
CA GLN A 104 -29.28 10.56 -13.14
C GLN A 104 -28.05 9.90 -12.57
N ARG A 105 -28.05 8.56 -12.50
CA ARG A 105 -26.86 7.84 -12.05
C ARG A 105 -25.70 8.04 -13.02
N ALA A 106 -25.99 8.08 -14.32
CA ALA A 106 -24.94 8.25 -15.32
C ALA A 106 -24.25 9.61 -15.16
N LEU A 107 -25.01 10.64 -14.78
CA LEU A 107 -24.43 11.97 -14.61
C LEU A 107 -23.51 12.01 -13.39
N VAL A 108 -23.88 11.31 -12.32
CA VAL A 108 -23.03 11.26 -11.13
C VAL A 108 -21.67 10.67 -11.48
N VAL A 109 -21.66 9.61 -12.28
CA VAL A 109 -20.40 8.94 -12.63
C VAL A 109 -19.59 9.79 -13.60
N GLU A 110 -20.27 10.45 -14.55
CA GLU A 110 -19.58 11.34 -15.48
C GLU A 110 -18.93 12.51 -14.75
N ILE A 111 -19.58 13.02 -13.70
CA ILE A 111 -18.98 14.08 -12.91
C ILE A 111 -17.78 13.55 -12.12
N MET A 112 -17.90 12.34 -11.57
CA MET A 112 -16.76 11.73 -10.90
C MET A 112 -15.60 11.50 -11.86
N ALA A 113 -15.91 11.09 -13.09
CA ALA A 113 -14.87 10.92 -14.09
C ALA A 113 -14.24 12.27 -14.46
N GLU A 114 -15.05 13.32 -14.60
CA GLU A 114 -14.52 14.63 -14.88
C GLU A 114 -13.67 15.15 -13.73
N GLY A 115 -14.04 14.83 -12.50
CA GLY A 115 -13.27 15.29 -11.35
C GLY A 115 -11.86 14.74 -11.33
N MET A 116 -11.63 13.58 -11.93
CA MET A 116 -10.32 12.97 -11.97
C MET A 116 -9.42 13.56 -13.05
N ARG A 117 -9.95 14.46 -13.89
CA ARG A 117 -9.17 15.12 -14.92
C ARG A 117 -9.34 16.63 -14.91
N ASN A 118 -10.12 17.18 -13.97
CA ASN A 118 -10.41 18.60 -13.89
C ASN A 118 -10.29 19.05 -12.44
N PRO A 119 -9.22 19.76 -12.08
CA PRO A 119 -9.04 20.17 -10.67
C PRO A 119 -10.16 21.06 -10.14
N GLN A 120 -10.86 21.79 -11.01
CA GLN A 120 -12.01 22.55 -10.55
C GLN A 120 -13.11 21.63 -10.03
N VAL A 121 -13.42 20.58 -10.78
CA VAL A 121 -14.47 19.65 -10.38
C VAL A 121 -14.01 18.81 -9.20
N ALA A 122 -12.71 18.48 -9.14
CA ALA A 122 -12.20 17.71 -8.01
C ALA A 122 -12.40 18.44 -6.69
N ALA A 123 -12.26 19.76 -6.70
CA ALA A 123 -12.50 20.54 -5.49
C ALA A 123 -13.98 20.53 -5.11
N MET A 124 -14.86 20.57 -6.10
CA MET A 124 -16.29 20.50 -5.82
C MET A 124 -16.66 19.14 -5.24
N LEU A 125 -16.13 18.05 -5.80
CA LEU A 125 -16.43 16.72 -5.29
C LEU A 125 -15.85 16.50 -3.90
N LYS A 126 -14.70 17.10 -3.62
CA LYS A 126 -14.12 17.00 -2.28
C LYS A 126 -15.06 17.60 -1.23
N ASN A 127 -15.70 18.71 -1.55
CA ASN A 127 -16.65 19.32 -0.62
C ASN A 127 -17.94 18.51 -0.53
N LYS A 128 -18.42 17.99 -1.66
CA LYS A 128 -19.64 17.19 -1.65
C LYS A 128 -19.45 15.92 -0.82
N HIS A 129 -18.38 15.18 -1.08
CA HIS A 129 -18.15 13.92 -0.38
C HIS A 129 -17.88 14.15 1.10
N MET A 130 -17.20 15.25 1.46
CA MET A 130 -16.98 15.56 2.86
C MET A 130 -18.29 15.90 3.57
N THR A 131 -19.15 16.66 2.90
CA THR A 131 -20.44 17.03 3.49
C THR A 131 -21.30 15.79 3.73
N ILE A 132 -21.28 14.85 2.79
CA ILE A 132 -22.10 13.65 2.93
C ILE A 132 -21.61 12.78 4.07
N THR A 133 -20.30 12.55 4.14
CA THR A 133 -19.76 11.68 5.19
C THR A 133 -19.92 12.29 6.56
N GLU A 134 -20.00 13.62 6.65
CA GLU A 134 -20.24 14.26 7.94
C GLU A 134 -21.65 13.97 8.45
N PHE A 135 -22.63 13.95 7.54
CA PHE A 135 -24.00 13.61 7.94
C PHE A 135 -24.12 12.14 8.27
N VAL A 136 -23.49 11.27 7.48
CA VAL A 136 -23.54 9.83 7.75
C VAL A 136 -22.86 9.52 9.08
N ALA A 137 -21.77 10.21 9.38
CA ALA A 137 -21.07 9.98 10.64
C ALA A 137 -21.90 10.42 11.83
N GLN A 138 -22.69 11.48 11.68
CA GLN A 138 -23.58 11.90 12.77
C GLN A 138 -24.65 10.85 13.04
N ARG A 139 -25.25 10.31 11.99
CA ARG A 139 -26.19 9.20 12.17
C ARG A 139 -25.49 7.96 12.70
N MET A 140 -24.19 7.82 12.42
CA MET A 140 -23.42 6.72 12.99
C MET A 140 -23.30 6.86 14.50
N ARG A 141 -23.06 8.09 14.97
CA ARG A 141 -22.99 8.31 16.41
C ARG A 141 -24.35 8.12 17.07
N ASP A 142 -25.42 8.51 16.37
CA ASP A 142 -26.76 8.24 16.87
C ASP A 142 -27.00 6.74 17.02
N ALA A 143 -26.49 5.95 16.08
CA ALA A 143 -26.64 4.51 16.16
C ALA A 143 -25.76 3.90 17.25
N GLN A 144 -24.61 4.52 17.52
CA GLN A 144 -23.74 4.04 18.59
C GLN A 144 -24.40 4.22 19.95
N GLN A 145 -25.07 5.35 20.17
CA GLN A 145 -25.73 5.58 21.45
C GLN A 145 -26.89 4.62 21.66
N LYS A 146 -27.48 4.11 20.58
CA LYS A 146 -28.60 3.18 20.66
C LYS A 146 -28.15 1.72 20.74
N GLY A 147 -26.85 1.46 20.79
CA GLY A 147 -26.36 0.10 20.86
C GLY A 147 -26.45 -0.69 19.57
N GLU A 148 -26.72 -0.02 18.44
CA GLU A 148 -26.85 -0.73 17.18
C GLU A 148 -25.50 -0.94 16.51
N ILE A 149 -24.52 -0.09 16.80
CA ILE A 149 -23.21 -0.12 16.15
C ILE A 149 -22.14 -0.21 17.22
N SER A 150 -21.02 -0.85 16.87
CA SER A 150 -19.87 -0.88 17.76
C SER A 150 -19.44 0.54 18.14
N PRO A 151 -19.13 0.78 19.41
CA PRO A 151 -18.74 2.14 19.82
C PRO A 151 -17.31 2.51 19.49
N ASP A 152 -16.51 1.58 18.97
CA ASP A 152 -15.07 1.78 18.79
C ASP A 152 -14.66 1.98 17.34
N ILE A 153 -15.61 2.33 16.47
CA ILE A 153 -15.30 2.49 15.05
C ILE A 153 -14.76 3.88 14.78
N ASN A 154 -13.94 4.01 13.75
CA ASN A 154 -13.54 5.30 13.20
C ASN A 154 -14.66 5.76 12.28
N THR A 155 -15.54 6.61 12.81
CA THR A 155 -16.73 7.00 12.05
C THR A 155 -16.38 7.76 10.78
N ALA A 156 -15.31 8.55 10.81
CA ALA A 156 -14.92 9.31 9.62
C ALA A 156 -14.47 8.40 8.49
N MET A 157 -13.55 7.48 8.79
CA MET A 157 -13.07 6.56 7.76
C MET A 157 -14.17 5.59 7.33
N THR A 158 -14.98 5.13 8.29
CA THR A 158 -16.06 4.20 7.97
C THR A 158 -17.08 4.85 7.05
N SER A 159 -17.41 6.12 7.29
CA SER A 159 -18.37 6.82 6.44
C SER A 159 -17.86 6.94 5.01
N ARG A 160 -16.57 7.23 4.85
CA ARG A 160 -16.01 7.39 3.51
C ARG A 160 -15.99 6.06 2.77
N LEU A 161 -15.67 4.97 3.46
CA LEU A 161 -15.69 3.66 2.82
C LEU A 161 -17.10 3.25 2.42
N LEU A 162 -18.09 3.56 3.27
CA LEU A 162 -19.47 3.28 2.90
C LEU A 162 -19.90 4.12 1.71
N LEU A 163 -19.43 5.36 1.63
CA LEU A 163 -19.75 6.19 0.47
C LEU A 163 -19.09 5.65 -0.79
N ASP A 164 -17.88 5.10 -0.67
CA ASP A 164 -17.21 4.53 -1.83
C ASP A 164 -17.93 3.28 -2.32
N LEU A 165 -18.37 2.42 -1.39
CA LEU A 165 -19.17 1.26 -1.78
C LEU A 165 -20.47 1.70 -2.45
N THR A 166 -21.05 2.81 -1.99
CA THR A 166 -22.29 3.31 -2.58
C THR A 166 -22.06 3.75 -4.02
N TYR A 167 -20.98 4.50 -4.27
CA TYR A 167 -20.70 4.95 -5.62
C TYR A 167 -20.30 3.80 -6.54
N GLY A 168 -19.65 2.78 -5.99
CA GLY A 168 -19.36 1.59 -6.78
C GLY A 168 -20.62 0.90 -7.25
N VAL A 169 -21.63 0.81 -6.37
CA VAL A 169 -22.92 0.25 -6.77
C VAL A 169 -23.63 1.19 -7.71
N LEU A 170 -23.58 2.50 -7.44
CA LEU A 170 -24.19 3.49 -8.33
C LEU A 170 -23.65 3.37 -9.74
N ALA A 171 -22.34 3.09 -9.87
CA ALA A 171 -21.70 3.01 -11.17
C ALA A 171 -21.87 1.66 -11.84
N ASP A 172 -22.42 0.67 -11.14
CA ASP A 172 -22.64 -0.65 -11.74
C ASP A 172 -23.84 -0.56 -12.67
N ILE A 173 -23.60 -0.74 -13.97
CA ILE A 173 -24.67 -0.66 -14.96
C ILE A 173 -25.75 -1.69 -14.68
N GLU A 174 -25.37 -2.88 -14.19
CA GLU A 174 -26.29 -3.97 -13.95
C GLU A 174 -26.81 -4.00 -12.51
N ALA A 175 -26.65 -2.93 -11.75
CA ALA A 175 -27.00 -2.95 -10.33
C ALA A 175 -28.47 -3.28 -10.11
N GLU A 176 -29.36 -2.75 -10.95
CA GLU A 176 -30.78 -3.00 -10.77
C GLU A 176 -31.13 -4.47 -11.04
N ASP A 177 -30.39 -5.13 -11.93
CA ASP A 177 -30.58 -6.55 -12.13
C ASP A 177 -30.11 -7.34 -10.93
N LEU A 178 -28.96 -6.95 -10.35
CA LEU A 178 -28.47 -7.62 -9.14
C LEU A 178 -29.44 -7.44 -7.99
N ALA A 179 -30.12 -6.30 -7.90
CA ALA A 179 -31.04 -6.04 -6.81
C ALA A 179 -32.26 -6.94 -6.82
N ARG A 180 -32.53 -7.62 -7.94
CA ARG A 180 -33.65 -8.55 -8.02
C ARG A 180 -33.44 -9.81 -7.19
N GLU A 181 -32.22 -10.07 -6.73
CA GLU A 181 -31.90 -11.28 -5.98
C GLU A 181 -31.74 -10.95 -4.51
N ALA A 182 -32.16 -11.88 -3.65
CA ALA A 182 -32.12 -11.66 -2.21
C ALA A 182 -30.68 -11.60 -1.70
N SER A 183 -29.74 -12.27 -2.39
CA SER A 183 -28.36 -12.27 -1.95
C SER A 183 -27.70 -10.89 -2.10
N PHE A 184 -28.32 -9.98 -2.86
CA PHE A 184 -27.76 -8.65 -3.05
C PHE A 184 -27.77 -7.87 -1.75
N ALA A 185 -28.96 -7.71 -1.15
CA ALA A 185 -29.05 -6.98 0.11
C ALA A 185 -28.36 -7.74 1.25
N GLN A 186 -28.40 -9.07 1.22
CA GLN A 186 -27.73 -9.84 2.27
C GLN A 186 -26.22 -9.68 2.19
N GLY A 187 -25.67 -9.62 0.97
CA GLY A 187 -24.25 -9.36 0.83
C GLY A 187 -23.87 -7.97 1.31
N LEU A 188 -24.73 -6.98 1.03
CA LEU A 188 -24.48 -5.63 1.51
C LEU A 188 -24.55 -5.56 3.03
N ARG A 189 -25.51 -6.26 3.63
CA ARG A 189 -25.60 -6.30 5.09
C ARG A 189 -24.35 -6.93 5.70
N ALA A 190 -23.82 -7.97 5.06
CA ALA A 190 -22.61 -8.60 5.56
C ALA A 190 -21.42 -7.66 5.46
N MET A 191 -21.35 -6.85 4.40
CA MET A 191 -20.27 -5.88 4.27
C MET A 191 -20.43 -4.75 5.27
N ILE A 192 -21.60 -4.12 5.29
CA ILE A 192 -21.82 -2.95 6.13
C ILE A 192 -21.88 -3.35 7.60
N GLY A 193 -22.51 -4.48 7.90
CA GLY A 193 -22.49 -5.00 9.25
C GLY A 193 -21.11 -5.42 9.71
N GLY A 194 -20.21 -5.75 8.78
CA GLY A 194 -18.87 -6.14 9.17
C GLY A 194 -18.03 -4.98 9.63
N ILE A 195 -18.12 -3.84 8.95
CA ILE A 195 -17.33 -2.67 9.32
C ILE A 195 -17.94 -1.90 10.48
N LEU A 196 -19.22 -2.10 10.76
CA LEU A 196 -19.89 -1.36 11.82
C LEU A 196 -20.00 -2.18 13.11
N SER B 57 -13.42 4.73 -35.15
CA SER B 57 -14.52 4.96 -34.22
C SER B 57 -14.01 4.99 -32.77
N LYS B 58 -14.77 5.64 -31.90
CA LYS B 58 -14.36 5.73 -30.50
C LYS B 58 -14.55 4.41 -29.77
N GLU B 59 -15.53 3.60 -30.19
CA GLU B 59 -15.80 2.33 -29.50
C GLU B 59 -14.64 1.36 -29.66
N ALA B 60 -13.96 1.37 -30.81
CA ALA B 60 -12.86 0.44 -31.03
C ALA B 60 -11.68 0.77 -30.12
N LEU B 61 -11.40 2.05 -29.89
CA LEU B 61 -10.32 2.42 -28.98
C LEU B 61 -10.66 2.05 -27.55
N ILE B 62 -11.92 2.27 -27.14
CA ILE B 62 -12.33 1.95 -25.78
C ILE B 62 -12.22 0.45 -25.53
N GLN B 63 -12.61 -0.36 -26.52
CA GLN B 63 -12.55 -1.82 -26.36
C GLN B 63 -11.12 -2.29 -26.10
N ALA B 64 -10.14 -1.69 -26.79
CA ALA B 64 -8.76 -2.08 -26.57
C ALA B 64 -8.28 -1.68 -25.18
N ILE B 65 -8.71 -0.51 -24.70
CA ILE B 65 -8.32 -0.07 -23.36
C ILE B 65 -8.96 -0.96 -22.30
N ILE B 66 -10.20 -1.40 -22.55
CA ILE B 66 -10.88 -2.27 -21.59
C ILE B 66 -10.13 -3.59 -21.44
N LEU B 67 -9.67 -4.16 -22.54
CA LEU B 67 -8.92 -5.42 -22.47
C LEU B 67 -7.63 -5.25 -21.68
N GLN B 68 -6.98 -4.09 -21.81
CA GLN B 68 -5.76 -3.84 -21.04
C GLN B 68 -6.06 -3.66 -19.56
N ASP B 69 -7.13 -2.92 -19.25
CA ASP B 69 -7.56 -2.80 -17.86
C ASP B 69 -7.96 -4.16 -17.30
N GLN B 70 -8.69 -4.96 -18.08
CA GLN B 70 -9.09 -6.29 -17.64
C GLN B 70 -7.88 -7.18 -17.39
N GLU B 71 -6.82 -7.02 -18.19
CA GLU B 71 -5.64 -7.86 -18.03
C GLU B 71 -4.95 -7.62 -16.70
N ARG B 72 -4.90 -6.37 -16.25
CA ARG B 72 -4.33 -6.08 -14.94
C ARG B 72 -5.14 -6.74 -13.83
N ALA B 73 -6.46 -6.84 -14.00
CA ALA B 73 -7.29 -7.51 -13.00
C ALA B 73 -7.09 -9.02 -13.04
N LEU B 74 -7.03 -9.59 -14.24
CA LEU B 74 -6.87 -11.04 -14.36
C LEU B 74 -5.55 -11.53 -13.81
N ALA B 75 -4.50 -10.68 -13.86
CA ALA B 75 -3.21 -11.08 -13.35
C ALA B 75 -3.25 -11.33 -11.84
N ARG B 76 -4.21 -10.71 -11.15
CA ARG B 76 -4.34 -10.92 -9.71
C ARG B 76 -4.97 -12.26 -9.37
N PHE B 77 -5.81 -12.80 -10.25
CA PHE B 77 -6.66 -13.93 -9.90
C PHE B 77 -6.56 -15.12 -10.84
N ARG B 78 -5.75 -15.05 -11.90
CA ARG B 78 -5.70 -16.15 -12.85
C ARG B 78 -5.00 -17.38 -12.27
N GLU B 79 -4.09 -17.18 -11.31
CA GLU B 79 -3.34 -18.29 -10.72
C GLU B 79 -3.90 -18.65 -9.36
N PRO B 80 -3.80 -19.92 -8.96
CA PRO B 80 -4.21 -20.30 -7.60
C PRO B 80 -3.40 -19.56 -6.55
N ILE B 81 -4.09 -19.15 -5.49
CA ILE B 81 -3.47 -18.38 -4.41
C ILE B 81 -2.91 -19.37 -3.39
N GLU B 82 -1.59 -19.48 -3.32
CA GLU B 82 -0.94 -20.43 -2.43
C GLU B 82 -0.31 -19.71 -1.25
N GLY B 83 -0.58 -20.23 -0.05
CA GLY B 83 0.04 -19.73 1.16
C GLY B 83 -0.46 -18.40 1.65
N ILE B 84 -1.58 -17.90 1.14
CA ILE B 84 -2.15 -16.63 1.55
C ILE B 84 -3.64 -16.83 1.80
N HIS B 85 -4.11 -16.44 2.99
CA HIS B 85 -5.53 -16.48 3.28
C HIS B 85 -6.28 -15.57 2.32
N PHE B 86 -7.40 -16.06 1.79
CA PHE B 86 -8.12 -15.34 0.74
C PHE B 86 -8.62 -13.99 1.23
N VAL B 87 -8.95 -13.87 2.51
CA VAL B 87 -9.35 -12.57 3.05
C VAL B 87 -8.16 -11.61 3.03
N ASP B 88 -6.98 -12.08 3.44
CA ASP B 88 -5.78 -11.26 3.35
C ASP B 88 -5.47 -10.88 1.92
N TYR B 89 -5.71 -11.81 0.98
CA TYR B 89 -5.42 -11.54 -0.42
C TYR B 89 -6.36 -10.47 -0.99
N MET B 90 -7.66 -10.58 -0.70
CA MET B 90 -8.61 -9.61 -1.22
C MET B 90 -8.38 -8.22 -0.64
N VAL B 91 -7.97 -8.16 0.63
CA VAL B 91 -7.69 -6.86 1.24
C VAL B 91 -6.53 -6.17 0.54
N GLU B 92 -5.42 -6.90 0.36
CA GLU B 92 -4.26 -6.32 -0.32
C GLU B 92 -4.59 -5.95 -1.76
N SER B 93 -5.46 -6.72 -2.41
CA SER B 93 -5.81 -6.42 -3.81
C SER B 93 -6.53 -5.08 -3.92
N ILE B 94 -7.46 -4.81 -3.00
CA ILE B 94 -8.22 -3.57 -3.08
C ILE B 94 -7.40 -2.39 -2.56
N VAL B 95 -6.59 -2.61 -1.52
CA VAL B 95 -5.76 -1.54 -0.98
C VAL B 95 -4.76 -1.07 -2.03
N SER B 96 -4.16 -2.02 -2.77
CA SER B 96 -3.15 -1.67 -3.77
C SER B 96 -3.70 -0.85 -4.92
N LEU B 97 -5.02 -0.77 -5.08
CA LEU B 97 -5.59 0.07 -6.12
C LEU B 97 -5.24 1.54 -5.90
N THR B 98 -5.16 1.97 -4.64
CA THR B 98 -4.89 3.37 -4.31
C THR B 98 -3.50 3.82 -4.72
N HIS B 99 -2.59 2.90 -5.06
CA HIS B 99 -1.22 3.23 -5.40
C HIS B 99 -0.94 3.14 -6.89
N GLU B 100 -1.90 2.69 -7.69
CA GLU B 100 -1.71 2.68 -9.14
C GLU B 100 -1.74 4.10 -9.69
N ALA B 101 -1.19 4.26 -10.90
CA ALA B 101 -1.09 5.58 -11.52
C ALA B 101 -2.47 6.23 -11.60
N PHE B 102 -2.54 7.50 -11.21
CA PHE B 102 -3.84 8.16 -11.13
C PHE B 102 -4.47 8.32 -12.50
N GLY B 103 -3.69 8.68 -13.52
CA GLY B 103 -4.22 8.76 -14.86
C GLY B 103 -4.78 7.45 -15.37
N GLN B 104 -4.19 6.33 -14.92
CA GLN B 104 -4.72 5.02 -15.27
C GLN B 104 -6.07 4.79 -14.60
N ARG B 105 -6.21 5.22 -13.34
CA ARG B 105 -7.50 5.10 -12.65
C ARG B 105 -8.54 6.01 -13.27
N ALA B 106 -8.13 7.23 -13.65
CA ALA B 106 -9.07 8.17 -14.25
C ALA B 106 -9.62 7.64 -15.57
N LEU B 107 -8.80 6.90 -16.33
CA LEU B 107 -9.26 6.35 -17.60
C LEU B 107 -10.30 5.26 -17.38
N VAL B 108 -10.14 4.45 -16.34
CA VAL B 108 -11.13 3.43 -16.02
C VAL B 108 -12.48 4.06 -15.74
N VAL B 109 -12.49 5.14 -14.94
CA VAL B 109 -13.74 5.78 -14.57
C VAL B 109 -14.35 6.51 -15.75
N GLU B 110 -13.52 7.09 -16.62
CA GLU B 110 -14.05 7.73 -17.82
C GLU B 110 -14.78 6.72 -18.71
N ILE B 111 -14.23 5.51 -18.82
CA ILE B 111 -14.88 4.47 -19.61
C ILE B 111 -16.14 3.97 -18.92
N MET B 112 -16.11 3.88 -17.59
CA MET B 112 -17.31 3.50 -16.85
C MET B 112 -18.42 4.52 -17.06
N ALA B 113 -18.07 5.80 -17.13
CA ALA B 113 -19.07 6.83 -17.40
C ALA B 113 -19.61 6.72 -18.82
N GLU B 114 -18.73 6.43 -19.78
CA GLU B 114 -19.18 6.27 -21.16
C GLU B 114 -20.14 5.09 -21.30
N GLY B 115 -19.89 4.01 -20.56
CA GLY B 115 -20.74 2.84 -20.65
C GLY B 115 -22.17 3.10 -20.23
N MET B 116 -22.38 4.06 -19.33
CA MET B 116 -23.73 4.38 -18.86
C MET B 116 -24.50 5.27 -19.82
N ARG B 117 -23.89 5.72 -20.91
CA ARG B 117 -24.58 6.46 -21.95
C ARG B 117 -24.31 5.91 -23.34
N ASN B 118 -23.61 4.77 -23.43
CA ASN B 118 -23.23 4.17 -24.71
C ASN B 118 -23.49 2.67 -24.60
N PRO B 119 -24.56 2.17 -25.24
CA PRO B 119 -24.88 0.74 -25.10
C PRO B 119 -23.80 -0.20 -25.60
N GLN B 120 -23.03 0.20 -26.61
CA GLN B 120 -21.95 -0.66 -27.09
C GLN B 120 -20.84 -0.79 -26.05
N VAL B 121 -20.48 0.31 -25.40
CA VAL B 121 -19.47 0.26 -24.35
C VAL B 121 -20.00 -0.49 -23.13
N ALA B 122 -21.30 -0.35 -22.85
CA ALA B 122 -21.90 -1.09 -21.75
C ALA B 122 -21.80 -2.59 -21.98
N ALA B 123 -21.89 -3.04 -23.24
CA ALA B 123 -21.73 -4.46 -23.52
C ALA B 123 -20.29 -4.92 -23.31
N MET B 124 -19.32 -4.07 -23.65
CA MET B 124 -17.93 -4.41 -23.39
C MET B 124 -17.65 -4.50 -21.90
N LEU B 125 -18.22 -3.59 -21.11
CA LEU B 125 -18.01 -3.62 -19.66
C LEU B 125 -18.71 -4.81 -19.03
N LYS B 126 -19.86 -5.22 -19.56
CA LYS B 126 -20.53 -6.41 -19.08
C LYS B 126 -19.64 -7.65 -19.27
N ASN B 127 -18.96 -7.73 -20.41
CA ASN B 127 -18.05 -8.84 -20.65
C ASN B 127 -16.81 -8.73 -19.76
N LYS B 128 -16.30 -7.51 -19.56
CA LYS B 128 -15.12 -7.33 -18.72
C LYS B 128 -15.41 -7.71 -17.27
N HIS B 129 -16.52 -7.22 -16.72
CA HIS B 129 -16.86 -7.51 -15.34
C HIS B 129 -17.23 -8.97 -15.14
N MET B 130 -17.86 -9.59 -16.15
CA MET B 130 -18.15 -11.01 -16.08
C MET B 130 -16.86 -11.83 -16.04
N THR B 131 -15.87 -11.45 -16.86
CA THR B 131 -14.61 -12.18 -16.89
C THR B 131 -13.88 -12.09 -15.56
N ILE B 132 -13.85 -10.90 -14.96
CA ILE B 132 -13.15 -10.71 -13.69
C ILE B 132 -13.85 -11.50 -12.59
N THR B 133 -15.18 -11.45 -12.53
CA THR B 133 -15.89 -12.06 -11.42
C THR B 133 -15.85 -13.57 -11.47
N GLU B 134 -15.72 -14.16 -12.66
CA GLU B 134 -15.61 -15.61 -12.76
C GLU B 134 -14.27 -16.10 -12.19
N PHE B 135 -13.21 -15.33 -12.40
CA PHE B 135 -11.91 -15.70 -11.84
C PHE B 135 -11.88 -15.49 -10.34
N VAL B 136 -12.48 -14.40 -9.86
CA VAL B 136 -12.54 -14.15 -8.42
C VAL B 136 -13.37 -15.23 -7.73
N ALA B 137 -14.47 -15.65 -8.37
CA ALA B 137 -15.29 -16.71 -7.80
C ALA B 137 -14.55 -18.04 -7.76
N GLN B 138 -13.71 -18.31 -8.76
CA GLN B 138 -12.91 -19.53 -8.75
C GLN B 138 -11.94 -19.55 -7.59
N ARG B 139 -11.24 -18.43 -7.37
CA ARG B 139 -10.36 -18.34 -6.20
C ARG B 139 -11.17 -18.40 -4.91
N MET B 140 -12.42 -17.92 -4.94
CA MET B 140 -13.29 -18.02 -3.77
C MET B 140 -13.60 -19.48 -3.46
N ARG B 141 -13.88 -20.28 -4.49
CA ARG B 141 -14.15 -21.70 -4.28
C ARG B 141 -12.91 -22.43 -3.76
N ASP B 142 -11.72 -22.02 -4.23
CA ASP B 142 -10.48 -22.59 -3.70
C ASP B 142 -10.38 -22.36 -2.20
N ALA B 143 -10.69 -21.14 -1.76
CA ALA B 143 -10.63 -20.82 -0.34
C ALA B 143 -11.64 -21.62 0.47
N GLN B 144 -12.84 -21.84 -0.11
CA GLN B 144 -13.85 -22.64 0.57
C GLN B 144 -13.37 -24.07 0.80
N GLN B 145 -12.79 -24.68 -0.24
CA GLN B 145 -12.28 -26.04 -0.10
C GLN B 145 -11.11 -26.11 0.88
N LYS B 146 -10.29 -25.06 0.94
CA LYS B 146 -9.22 -25.00 1.92
C LYS B 146 -9.71 -24.63 3.31
N GLY B 147 -11.01 -24.39 3.49
CA GLY B 147 -11.56 -24.06 4.78
C GLY B 147 -11.28 -22.65 5.25
N GLU B 148 -10.93 -21.75 4.34
CA GLU B 148 -10.57 -20.39 4.73
C GLU B 148 -11.79 -19.49 4.91
N ILE B 149 -12.84 -19.72 4.14
CA ILE B 149 -14.05 -18.90 4.19
C ILE B 149 -15.27 -19.80 4.27
N SER B 150 -16.42 -19.17 4.46
CA SER B 150 -17.66 -19.92 4.64
C SER B 150 -18.02 -20.68 3.35
N PRO B 151 -18.42 -21.94 3.46
CA PRO B 151 -18.91 -22.67 2.29
C PRO B 151 -20.35 -22.35 1.91
N ASP B 152 -21.00 -21.48 2.67
CA ASP B 152 -22.41 -21.17 2.48
C ASP B 152 -22.64 -19.86 1.72
N ILE B 153 -21.57 -19.15 1.36
CA ILE B 153 -21.73 -17.85 0.70
C ILE B 153 -22.08 -18.04 -0.77
N ASN B 154 -22.76 -17.05 -1.33
CA ASN B 154 -23.05 -16.99 -2.76
C ASN B 154 -21.84 -16.36 -3.45
N THR B 155 -20.99 -17.19 -4.05
CA THR B 155 -19.74 -16.70 -4.60
C THR B 155 -19.95 -15.78 -5.79
N ALA B 156 -20.98 -16.04 -6.61
CA ALA B 156 -21.23 -15.18 -7.77
C ALA B 156 -21.63 -13.78 -7.33
N MET B 157 -22.55 -13.68 -6.37
CA MET B 157 -22.95 -12.37 -5.86
C MET B 157 -21.84 -11.72 -5.06
N THR B 158 -21.14 -12.51 -4.24
CA THR B 158 -20.05 -11.97 -3.42
C THR B 158 -18.95 -11.37 -4.29
N SER B 159 -18.60 -12.05 -5.38
CA SER B 159 -17.59 -11.51 -6.29
C SER B 159 -18.05 -10.21 -6.92
N ARG B 160 -19.34 -10.12 -7.25
CA ARG B 160 -19.85 -8.90 -7.88
C ARG B 160 -19.80 -7.71 -6.92
N LEU B 161 -20.17 -7.93 -5.66
CA LEU B 161 -20.13 -6.83 -4.69
C LEU B 161 -18.71 -6.43 -4.35
N LEU B 162 -17.78 -7.40 -4.34
CA LEU B 162 -16.37 -7.06 -4.15
C LEU B 162 -15.84 -6.23 -5.31
N LEU B 163 -16.27 -6.55 -6.53
CA LEU B 163 -15.86 -5.76 -7.69
C LEU B 163 -16.43 -4.35 -7.64
N ASP B 164 -17.62 -4.18 -7.07
CA ASP B 164 -18.21 -2.85 -6.96
C ASP B 164 -17.51 -2.02 -5.89
N LEU B 165 -17.13 -2.66 -4.78
CA LEU B 165 -16.28 -1.97 -3.81
C LEU B 165 -14.94 -1.59 -4.43
N THR B 166 -14.43 -2.44 -5.32
CA THR B 166 -13.16 -2.15 -6.01
C THR B 166 -13.27 -0.88 -6.83
N TYR B 167 -14.32 -0.76 -7.65
CA TYR B 167 -14.45 0.42 -8.50
C TYR B 167 -14.82 1.66 -7.70
N GLY B 168 -15.50 1.49 -6.57
CA GLY B 168 -15.77 2.63 -5.71
C GLY B 168 -14.50 3.20 -5.10
N VAL B 169 -13.58 2.33 -4.69
CA VAL B 169 -12.28 2.78 -4.20
C VAL B 169 -11.44 3.34 -5.34
N LEU B 170 -11.50 2.69 -6.51
CA LEU B 170 -10.71 3.13 -7.66
C LEU B 170 -11.10 4.53 -8.10
N ALA B 171 -12.38 4.90 -7.95
CA ALA B 171 -12.87 6.20 -8.40
C ALA B 171 -12.73 7.30 -7.36
N ASP B 172 -12.30 6.98 -6.14
CA ASP B 172 -12.15 7.98 -5.10
C ASP B 172 -10.90 8.81 -5.36
N ILE B 173 -11.09 10.11 -5.60
CA ILE B 173 -9.98 10.99 -5.92
C ILE B 173 -8.99 11.06 -4.77
N GLU B 174 -9.48 10.99 -3.53
CA GLU B 174 -8.63 11.08 -2.34
C GLU B 174 -8.24 9.71 -1.79
N ALA B 175 -8.33 8.65 -2.60
CA ALA B 175 -8.06 7.31 -2.11
C ALA B 175 -6.63 7.17 -1.62
N GLU B 176 -5.68 7.79 -2.31
CA GLU B 176 -4.28 7.67 -1.91
C GLU B 176 -4.03 8.32 -0.55
N ASP B 177 -4.66 9.47 -0.29
CA ASP B 177 -4.53 10.10 1.02
C ASP B 177 -5.16 9.24 2.11
N LEU B 178 -6.32 8.65 1.84
CA LEU B 178 -6.97 7.80 2.83
C LEU B 178 -6.14 6.57 3.14
N ALA B 179 -5.45 6.02 2.13
CA ALA B 179 -4.67 4.82 2.31
C ALA B 179 -3.49 5.01 3.25
N ARG B 180 -3.11 6.25 3.55
CA ARG B 180 -2.05 6.49 4.52
C ARG B 180 -2.48 6.24 5.95
N GLU B 181 -3.78 6.13 6.21
CA GLU B 181 -4.30 5.90 7.55
C GLU B 181 -4.46 4.40 7.79
N ALA B 182 -4.15 3.97 9.02
CA ALA B 182 -4.27 2.56 9.35
C ALA B 182 -5.72 2.09 9.32
N SER B 183 -6.67 2.98 9.58
CA SER B 183 -8.08 2.60 9.59
C SER B 183 -8.61 2.29 8.19
N PHE B 184 -7.89 2.68 7.15
CA PHE B 184 -8.33 2.41 5.78
C PHE B 184 -8.33 0.91 5.49
N ALA B 185 -7.18 0.26 5.66
CA ALA B 185 -7.09 -1.17 5.43
C ALA B 185 -7.90 -1.96 6.44
N GLN B 186 -7.99 -1.47 7.68
CA GLN B 186 -8.79 -2.16 8.69
C GLN B 186 -10.27 -2.13 8.34
N GLY B 187 -10.77 -0.97 7.89
CA GLY B 187 -12.15 -0.90 7.47
C GLY B 187 -12.46 -1.79 6.29
N LEU B 188 -11.56 -1.81 5.31
CA LEU B 188 -11.72 -2.73 4.17
C LEU B 188 -11.65 -4.19 4.64
N ARG B 189 -10.77 -4.47 5.60
CA ARG B 189 -10.68 -5.83 6.13
C ARG B 189 -11.98 -6.25 6.80
N ALA B 190 -12.64 -5.32 7.50
CA ALA B 190 -13.90 -5.65 8.16
C ALA B 190 -15.02 -5.84 7.15
N MET B 191 -15.05 -5.02 6.10
CA MET B 191 -16.06 -5.18 5.05
C MET B 191 -15.83 -6.47 4.28
N ILE B 192 -14.59 -6.75 3.90
CA ILE B 192 -14.29 -7.90 3.05
C ILE B 192 -14.43 -9.19 3.84
N GLY B 193 -13.87 -9.23 5.05
CA GLY B 193 -14.04 -10.39 5.90
C GLY B 193 -15.48 -10.62 6.32
N GLY B 194 -16.27 -9.55 6.38
CA GLY B 194 -17.66 -9.69 6.77
C GLY B 194 -18.49 -10.44 5.74
N ILE B 195 -18.32 -10.11 4.46
CA ILE B 195 -19.09 -10.76 3.42
C ILE B 195 -18.56 -12.15 3.08
N LEU B 196 -17.29 -12.44 3.42
CA LEU B 196 -16.69 -13.74 3.11
C LEU B 196 -16.89 -14.76 4.23
N THR B 197 -17.40 -14.34 5.39
CA THR B 197 -17.56 -15.27 6.51
C THR B 197 -19.03 -15.41 6.91
N PRO C 14 48.36 -6.37 -8.22
CA PRO C 14 48.66 -5.30 -9.18
C PRO C 14 48.32 -3.92 -8.63
N THR C 15 48.42 -2.89 -9.48
CA THR C 15 48.00 -1.56 -9.08
C THR C 15 46.50 -1.49 -8.86
N ARG C 16 45.74 -2.36 -9.54
CA ARG C 16 44.28 -2.33 -9.41
C ARG C 16 43.84 -2.75 -8.01
N THR C 17 44.45 -3.80 -7.45
CA THR C 17 44.08 -4.23 -6.11
C THR C 17 44.43 -3.18 -5.07
N ARG C 18 45.53 -2.44 -5.27
CA ARG C 18 45.93 -1.42 -4.31
C ARG C 18 45.02 -0.20 -4.39
N ILE C 19 44.57 0.17 -5.59
CA ILE C 19 43.60 1.24 -5.72
C ILE C 19 42.30 0.86 -5.04
N LEU C 20 41.86 -0.39 -5.23
CA LEU C 20 40.59 -0.83 -4.66
C LEU C 20 40.64 -0.84 -3.14
N ASN C 21 41.75 -1.33 -2.56
CA ASN C 21 41.89 -1.33 -1.11
C ASN C 21 41.94 0.09 -0.56
N ALA C 22 42.57 1.02 -1.30
CA ALA C 22 42.62 2.41 -0.86
C ALA C 22 41.24 3.06 -0.97
N ALA C 23 40.49 2.73 -2.01
CA ALA C 23 39.15 3.29 -2.15
C ALA C 23 38.22 2.79 -1.06
N ARG C 24 38.37 1.52 -0.67
CA ARG C 24 37.51 0.96 0.38
C ARG C 24 37.68 1.72 1.69
N GLU C 25 38.92 2.03 2.07
CA GLU C 25 39.15 2.74 3.32
C GLU C 25 38.67 4.19 3.24
N ILE C 26 38.92 4.85 2.11
CA ILE C 26 38.53 6.25 1.98
C ILE C 26 37.02 6.39 1.90
N PHE C 27 36.35 5.46 1.20
CA PHE C 27 34.89 5.52 1.09
C PHE C 27 34.23 5.23 2.43
N SER C 28 34.70 4.21 3.14
CA SER C 28 34.07 3.84 4.41
C SER C 28 34.26 4.92 5.47
N GLU C 29 35.34 5.68 5.39
CA GLU C 29 35.64 6.69 6.41
C GLU C 29 35.05 8.06 6.06
N ASN C 30 34.87 8.36 4.78
CA ASN C 30 34.43 9.69 4.36
C ASN C 30 33.06 9.71 3.68
N GLY C 31 32.57 8.59 3.18
CA GLY C 31 31.36 8.58 2.39
C GLY C 31 31.63 8.82 0.92
N PHE C 32 30.56 8.72 0.12
CA PHE C 32 30.72 8.78 -1.32
C PHE C 32 31.17 10.17 -1.78
N HIS C 33 30.41 11.20 -1.41
CA HIS C 33 30.64 12.52 -2.00
C HIS C 33 31.90 13.17 -1.45
N SER C 34 32.09 13.11 -0.12
CA SER C 34 33.27 13.74 0.47
C SER C 34 34.55 13.14 -0.07
N ALA C 35 34.57 11.83 -0.28
CA ALA C 35 35.71 11.19 -0.92
C ALA C 35 35.89 11.73 -2.33
N SER C 36 37.15 11.76 -2.78
CA SER C 36 37.48 12.32 -4.08
C SER C 36 38.57 11.47 -4.72
N MET C 37 38.55 11.42 -6.05
CA MET C 37 39.55 10.65 -6.78
C MET C 37 40.96 11.14 -6.53
N LYS C 38 41.12 12.40 -6.10
CA LYS C 38 42.45 12.89 -5.76
C LYS C 38 43.02 12.13 -4.56
N ALA C 39 42.23 12.03 -3.47
CA ALA C 39 42.72 11.38 -2.26
C ALA C 39 43.09 9.94 -2.49
N ILE C 40 42.44 9.27 -3.45
CA ILE C 40 42.81 7.90 -3.78
C ILE C 40 44.16 7.86 -4.50
N CYS C 41 44.39 8.83 -5.39
CA CYS C 41 45.66 8.88 -6.10
C CYS C 41 46.84 9.08 -5.14
N LYS C 42 46.67 9.94 -4.13
CA LYS C 42 47.78 10.23 -3.23
C LYS C 42 48.08 9.05 -2.33
N SER C 43 47.04 8.36 -1.86
CA SER C 43 47.25 7.19 -1.00
C SER C 43 47.99 6.10 -1.75
N CYS C 44 47.71 5.94 -3.05
CA CYS C 44 48.42 4.98 -3.88
C CYS C 44 49.65 5.57 -4.56
N ALA C 45 49.82 6.90 -4.50
CA ALA C 45 50.94 7.59 -5.14
C ALA C 45 50.95 7.31 -6.65
N ILE C 46 49.86 7.70 -7.30
CA ILE C 46 49.71 7.55 -8.75
C ILE C 46 49.10 8.83 -9.31
N SER C 47 49.18 8.96 -10.63
CA SER C 47 48.62 10.10 -11.33
C SER C 47 47.13 9.89 -11.59
N PRO C 48 46.40 10.97 -11.90
CA PRO C 48 45.00 10.80 -12.31
C PRO C 48 44.84 9.94 -13.55
N GLY C 49 45.82 9.98 -14.46
CA GLY C 49 45.75 9.12 -15.63
C GLY C 49 45.90 7.65 -15.31
N THR C 50 46.74 7.33 -14.32
CA THR C 50 46.88 5.94 -13.89
C THR C 50 45.60 5.44 -13.22
N LEU C 51 45.01 6.26 -12.35
CA LEU C 51 43.75 5.88 -11.72
C LEU C 51 42.66 5.70 -12.76
N TYR C 52 42.59 6.61 -13.73
CA TYR C 52 41.57 6.52 -14.77
C TYR C 52 41.72 5.24 -15.60
N HIS C 53 42.96 4.77 -15.77
CA HIS C 53 43.18 3.56 -16.57
C HIS C 53 42.49 2.36 -15.96
N HIS C 54 42.45 2.28 -14.63
CA HIS C 54 41.80 1.17 -13.95
C HIS C 54 40.34 1.44 -13.64
N PHE C 55 40.00 2.67 -13.24
CA PHE C 55 38.64 3.02 -12.87
C PHE C 55 38.34 4.42 -13.39
N ILE C 56 37.34 4.53 -14.26
CA ILE C 56 37.03 5.80 -14.90
C ILE C 56 36.27 6.76 -13.98
N SER C 57 35.69 6.27 -12.88
CA SER C 57 34.86 7.10 -12.04
C SER C 57 34.69 6.42 -10.68
N LYS C 58 34.02 7.13 -9.78
CA LYS C 58 33.66 6.53 -8.49
C LYS C 58 32.71 5.35 -8.68
N GLU C 59 31.82 5.45 -9.66
CA GLU C 59 30.87 4.37 -9.91
C GLU C 59 31.59 3.08 -10.31
N ALA C 60 32.68 3.20 -11.07
CA ALA C 60 33.47 2.02 -11.41
C ALA C 60 34.09 1.40 -10.16
N LEU C 61 34.52 2.23 -9.22
CA LEU C 61 35.06 1.71 -7.97
C LEU C 61 33.99 1.04 -7.13
N ILE C 62 32.79 1.61 -7.09
CA ILE C 62 31.69 1.03 -6.32
C ILE C 62 31.33 -0.33 -6.86
N GLN C 63 31.26 -0.46 -8.19
CA GLN C 63 30.88 -1.72 -8.79
C GLN C 63 31.81 -2.85 -8.37
N ALA C 64 33.12 -2.56 -8.32
CA ALA C 64 34.08 -3.57 -7.88
C ALA C 64 33.91 -3.89 -6.41
N ILE C 65 33.65 -2.88 -5.58
CA ILE C 65 33.43 -3.11 -4.15
C ILE C 65 32.17 -3.94 -3.94
N ILE C 66 31.11 -3.65 -4.70
CA ILE C 66 29.85 -4.37 -4.55
C ILE C 66 30.04 -5.85 -4.86
N LEU C 67 30.83 -6.16 -5.88
CA LEU C 67 31.12 -7.56 -6.19
C LEU C 67 31.89 -8.24 -5.08
N GLN C 68 32.77 -7.50 -4.39
CA GLN C 68 33.47 -8.07 -3.24
C GLN C 68 32.52 -8.33 -2.08
N ASP C 69 31.63 -7.36 -1.79
CA ASP C 69 30.63 -7.58 -0.75
C ASP C 69 29.66 -8.69 -1.12
N GLN C 70 29.29 -8.76 -2.40
CA GLN C 70 28.42 -9.83 -2.86
C GLN C 70 29.07 -11.19 -2.66
N GLU C 71 30.39 -11.28 -2.86
CA GLU C 71 31.08 -12.55 -2.73
C GLU C 71 31.03 -13.07 -1.29
N ARG C 72 31.18 -12.19 -0.31
CA ARG C 72 31.07 -12.60 1.08
C ARG C 72 29.70 -13.16 1.39
N ALA C 73 28.66 -12.65 0.72
CA ALA C 73 27.31 -13.17 0.92
C ALA C 73 27.10 -14.49 0.20
N LEU C 74 27.60 -14.61 -1.02
CA LEU C 74 27.44 -15.86 -1.77
C LEU C 74 28.18 -17.01 -1.11
N ALA C 75 29.33 -16.73 -0.49
CA ALA C 75 30.09 -17.79 0.18
C ALA C 75 29.29 -18.45 1.30
N ARG C 76 28.33 -17.72 1.87
CA ARG C 76 27.52 -18.29 2.94
C ARG C 76 26.49 -19.27 2.41
N PHE C 77 25.99 -19.07 1.18
CA PHE C 77 24.82 -19.79 0.70
C PHE C 77 25.04 -20.50 -0.63
N ARG C 78 26.27 -20.60 -1.13
CA ARG C 78 26.47 -21.18 -2.45
C ARG C 78 26.50 -22.70 -2.43
N GLU C 79 26.97 -23.31 -1.34
CA GLU C 79 27.03 -24.76 -1.32
C GLU C 79 26.12 -25.32 -0.22
N PRO C 80 25.58 -26.53 -0.41
CA PRO C 80 24.42 -26.95 0.38
C PRO C 80 24.69 -26.97 1.87
N ILE C 81 23.62 -26.72 2.62
CA ILE C 81 23.67 -26.68 4.08
C ILE C 81 23.56 -28.10 4.62
N GLU C 82 24.58 -28.53 5.35
CA GLU C 82 24.63 -29.88 5.90
C GLU C 82 24.82 -29.82 7.41
N GLY C 83 24.19 -30.77 8.12
CA GLY C 83 24.38 -30.92 9.54
C GLY C 83 23.64 -29.93 10.42
N ILE C 84 22.89 -29.00 9.84
CA ILE C 84 22.17 -28.00 10.62
C ILE C 84 20.88 -27.65 9.90
N HIS C 85 19.83 -27.38 10.68
CA HIS C 85 18.56 -26.95 10.11
C HIS C 85 18.73 -25.63 9.37
N PHE C 86 17.94 -25.46 8.30
CA PHE C 86 18.02 -24.24 7.50
C PHE C 86 17.68 -23.01 8.35
N VAL C 87 16.72 -23.13 9.26
CA VAL C 87 16.33 -22.01 10.10
C VAL C 87 17.49 -21.57 10.97
N ASP C 88 18.17 -22.54 11.60
CA ASP C 88 19.27 -22.20 12.51
C ASP C 88 20.50 -21.73 11.74
N TYR C 89 20.66 -22.16 10.48
CA TYR C 89 21.76 -21.65 9.68
C TYR C 89 21.54 -20.18 9.32
N MET C 90 20.30 -19.80 9.04
CA MET C 90 20.00 -18.40 8.75
C MET C 90 20.22 -17.53 9.99
N VAL C 91 19.88 -18.04 11.17
CA VAL C 91 20.07 -17.28 12.39
C VAL C 91 21.56 -17.07 12.65
N GLU C 92 22.36 -18.14 12.50
CA GLU C 92 23.79 -18.02 12.69
C GLU C 92 24.43 -17.07 11.68
N SER C 93 23.87 -16.99 10.47
CA SER C 93 24.41 -16.09 9.46
C SER C 93 24.27 -14.64 9.88
N ILE C 94 23.11 -14.27 10.43
CA ILE C 94 22.89 -12.89 10.86
C ILE C 94 23.70 -12.58 12.11
N VAL C 95 23.78 -13.55 13.03
CA VAL C 95 24.56 -13.36 14.25
C VAL C 95 26.04 -13.16 13.92
N SER C 96 26.56 -13.98 13.00
CA SER C 96 27.95 -13.81 12.57
C SER C 96 28.18 -12.45 11.92
N LEU C 97 27.16 -11.90 11.26
CA LEU C 97 27.30 -10.62 10.59
C LEU C 97 27.60 -9.49 11.57
N THR C 98 27.04 -9.55 12.78
CA THR C 98 27.26 -8.49 13.76
C THR C 98 28.69 -8.47 14.28
N HIS C 99 29.46 -9.54 14.09
CA HIS C 99 30.84 -9.61 14.53
C HIS C 99 31.84 -9.24 13.44
N GLU C 100 31.36 -8.91 12.25
CA GLU C 100 32.25 -8.53 11.17
C GLU C 100 32.81 -7.11 11.42
N ALA C 101 33.85 -6.77 10.65
CA ALA C 101 34.49 -5.47 10.79
C ALA C 101 33.49 -4.34 10.60
N PHE C 102 33.49 -3.39 11.53
CA PHE C 102 32.48 -2.34 11.51
C PHE C 102 32.65 -1.41 10.30
N GLY C 103 33.88 -1.08 9.94
CA GLY C 103 34.11 -0.25 8.78
C GLY C 103 33.62 -0.90 7.49
N GLN C 104 33.62 -2.24 7.46
CA GLN C 104 33.09 -2.94 6.30
C GLN C 104 31.56 -2.88 6.26
N ARG C 105 30.92 -2.98 7.44
CA ARG C 105 29.47 -2.79 7.50
C ARG C 105 29.09 -1.37 7.15
N ALA C 106 29.89 -0.40 7.57
CA ALA C 106 29.60 1.01 7.27
C ALA C 106 29.65 1.26 5.77
N LEU C 107 30.57 0.61 5.07
CA LEU C 107 30.66 0.79 3.62
C LEU C 107 29.45 0.20 2.90
N VAL C 108 28.93 -0.92 3.40
CA VAL C 108 27.74 -1.51 2.80
C VAL C 108 26.56 -0.55 2.89
N VAL C 109 26.39 0.08 4.05
CA VAL C 109 25.25 0.98 4.24
C VAL C 109 25.43 2.27 3.44
N GLU C 110 26.67 2.76 3.33
CA GLU C 110 26.92 3.97 2.55
C GLU C 110 26.63 3.75 1.08
N ILE C 111 26.92 2.54 0.57
CA ILE C 111 26.61 2.23 -0.82
C ILE C 111 25.10 2.14 -1.01
N MET C 112 24.38 1.58 -0.02
CA MET C 112 22.93 1.53 -0.10
C MET C 112 22.33 2.93 -0.10
N ALA C 113 22.90 3.85 0.69
CA ALA C 113 22.44 5.23 0.67
C ALA C 113 22.73 5.89 -0.67
N GLU C 114 23.88 5.58 -1.26
CA GLU C 114 24.21 6.15 -2.57
C GLU C 114 23.29 5.61 -3.65
N GLY C 115 22.90 4.34 -3.55
CA GLY C 115 22.01 3.75 -4.54
C GLY C 115 20.65 4.42 -4.59
N MET C 116 20.21 4.98 -3.46
CA MET C 116 18.93 5.68 -3.41
C MET C 116 19.00 7.11 -3.95
N ARG C 117 20.18 7.56 -4.38
CA ARG C 117 20.33 8.87 -4.98
C ARG C 117 21.19 8.83 -6.24
N ASN C 118 21.51 7.64 -6.76
CA ASN C 118 22.37 7.46 -7.91
C ASN C 118 21.85 6.28 -8.72
N PRO C 119 21.31 6.51 -9.92
CA PRO C 119 20.68 5.40 -10.66
C PRO C 119 21.66 4.33 -11.10
N GLN C 120 22.94 4.67 -11.31
CA GLN C 120 23.90 3.65 -11.69
C GLN C 120 24.20 2.71 -10.51
N VAL C 121 24.36 3.26 -9.31
CA VAL C 121 24.58 2.43 -8.14
C VAL C 121 23.32 1.63 -7.80
N ALA C 122 22.14 2.22 -8.05
CA ALA C 122 20.90 1.48 -7.83
C ALA C 122 20.83 0.24 -8.71
N ALA C 123 21.32 0.34 -9.95
CA ALA C 123 21.32 -0.83 -10.83
C ALA C 123 22.30 -1.89 -10.35
N MET C 124 23.45 -1.47 -9.81
CA MET C 124 24.40 -2.43 -9.27
C MET C 124 23.83 -3.16 -8.06
N LEU C 125 23.14 -2.42 -7.17
CA LEU C 125 22.55 -3.04 -5.99
C LEU C 125 21.39 -3.95 -6.36
N LYS C 126 20.62 -3.57 -7.37
CA LYS C 126 19.54 -4.43 -7.86
C LYS C 126 20.09 -5.79 -8.29
N ASN C 127 21.25 -5.79 -8.95
CA ASN C 127 21.85 -7.05 -9.37
C ASN C 127 22.45 -7.81 -8.20
N LYS C 128 23.06 -7.08 -7.25
CA LYS C 128 23.66 -7.73 -6.08
C LYS C 128 22.60 -8.44 -5.25
N HIS C 129 21.50 -7.76 -4.96
CA HIS C 129 20.47 -8.33 -4.09
C HIS C 129 19.73 -9.47 -4.77
N MET C 130 19.51 -9.36 -6.09
CA MET C 130 18.85 -10.44 -6.81
C MET C 130 19.71 -11.70 -6.81
N THR C 131 21.02 -11.56 -7.03
CA THR C 131 21.90 -12.71 -7.03
C THR C 131 21.92 -13.41 -5.66
N ILE C 132 21.99 -12.62 -4.58
CA ILE C 132 22.00 -13.20 -3.24
C ILE C 132 20.70 -13.93 -2.95
N THR C 133 19.57 -13.31 -3.30
CA THR C 133 18.28 -13.94 -3.02
C THR C 133 18.09 -15.21 -3.84
N GLU C 134 18.70 -15.30 -5.03
CA GLU C 134 18.63 -16.53 -5.80
C GLU C 134 19.35 -17.67 -5.10
N PHE C 135 20.52 -17.38 -4.51
CA PHE C 135 21.24 -18.41 -3.77
C PHE C 135 20.47 -18.83 -2.53
N VAL C 136 19.94 -17.86 -1.79
CA VAL C 136 19.18 -18.17 -0.58
C VAL C 136 17.91 -18.93 -0.93
N ALA C 137 17.27 -18.57 -2.04
CA ALA C 137 16.04 -19.26 -2.45
C ALA C 137 16.32 -20.71 -2.81
N GLN C 138 17.47 -20.97 -3.44
CA GLN C 138 17.83 -22.34 -3.77
C GLN C 138 18.06 -23.17 -2.51
N ARG C 139 18.74 -22.59 -1.52
CA ARG C 139 18.89 -23.28 -0.24
C ARG C 139 17.55 -23.44 0.46
N MET C 140 16.63 -22.51 0.24
CA MET C 140 15.28 -22.64 0.79
C MET C 140 14.55 -23.81 0.17
N ARG C 141 14.73 -24.02 -1.15
CA ARG C 141 14.09 -25.15 -1.80
C ARG C 141 14.71 -26.47 -1.38
N ASP C 142 16.01 -26.48 -1.11
CA ASP C 142 16.65 -27.68 -0.58
C ASP C 142 16.02 -28.10 0.74
N ALA C 143 15.79 -27.14 1.63
CA ALA C 143 15.17 -27.44 2.92
C ALA C 143 13.73 -27.88 2.75
N GLN C 144 13.07 -27.42 1.67
CA GLN C 144 11.70 -27.88 1.40
C GLN C 144 11.69 -29.35 1.01
N GLN C 145 12.64 -29.77 0.18
CA GLN C 145 12.75 -31.19 -0.17
C GLN C 145 13.19 -32.01 1.04
N LYS C 146 14.12 -31.48 1.83
CA LYS C 146 14.57 -32.16 3.05
C LYS C 146 13.52 -32.17 4.15
N GLY C 147 12.33 -31.62 3.89
CA GLY C 147 11.23 -31.69 4.84
C GLY C 147 11.28 -30.70 5.98
N GLU C 148 12.20 -29.75 5.96
CA GLU C 148 12.33 -28.80 7.05
C GLU C 148 11.39 -27.60 6.92
N ILE C 149 10.92 -27.30 5.72
CA ILE C 149 10.05 -26.15 5.46
C ILE C 149 8.87 -26.61 4.63
N SER C 150 7.70 -26.07 4.92
CA SER C 150 6.50 -26.42 4.17
C SER C 150 6.60 -25.89 2.74
N PRO C 151 6.13 -26.64 1.75
CA PRO C 151 6.32 -26.25 0.34
C PRO C 151 5.38 -25.16 -0.16
N ASP C 152 4.59 -24.54 0.71
CA ASP C 152 3.66 -23.51 0.29
C ASP C 152 4.25 -22.11 0.29
N ILE C 153 5.42 -21.92 0.90
CA ILE C 153 5.96 -20.58 1.09
C ILE C 153 6.54 -20.07 -0.23
N ASN C 154 6.37 -18.76 -0.46
CA ASN C 154 6.94 -18.10 -1.63
C ASN C 154 8.44 -17.95 -1.43
N THR C 155 9.22 -18.77 -2.14
CA THR C 155 10.66 -18.82 -1.90
C THR C 155 11.34 -17.50 -2.27
N ALA C 156 10.87 -16.83 -3.32
CA ALA C 156 11.51 -15.59 -3.76
C ALA C 156 11.24 -14.46 -2.79
N MET C 157 9.96 -14.24 -2.45
CA MET C 157 9.60 -13.15 -1.54
C MET C 157 10.17 -13.38 -0.15
N THR C 158 10.19 -14.63 0.31
CA THR C 158 10.77 -14.93 1.62
C THR C 158 12.26 -14.62 1.64
N SER C 159 12.97 -14.92 0.55
CA SER C 159 14.40 -14.66 0.49
C SER C 159 14.69 -13.16 0.52
N ARG C 160 13.89 -12.37 -0.21
CA ARG C 160 14.09 -10.93 -0.22
C ARG C 160 13.83 -10.32 1.15
N LEU C 161 12.78 -10.80 1.83
CA LEU C 161 12.48 -10.28 3.16
C LEU C 161 13.55 -10.68 4.17
N LEU C 162 14.11 -11.89 4.02
CA LEU C 162 15.23 -12.28 4.87
C LEU C 162 16.46 -11.41 4.59
N LEU C 163 16.67 -11.04 3.33
CA LEU C 163 17.79 -10.17 2.99
C LEU C 163 17.60 -8.77 3.58
N ASP C 164 16.35 -8.28 3.59
CA ASP C 164 16.09 -6.96 4.14
C ASP C 164 16.26 -6.95 5.65
N LEU C 165 15.85 -8.02 6.32
CA LEU C 165 16.12 -8.15 7.75
C LEU C 165 17.63 -8.18 8.01
N THR C 166 18.38 -8.82 7.12
CA THR C 166 19.83 -8.90 7.28
C THR C 166 20.46 -7.52 7.20
N TYR C 167 20.04 -6.70 6.23
CA TYR C 167 20.62 -5.36 6.09
C TYR C 167 20.19 -4.44 7.22
N GLY C 168 18.97 -4.62 7.73
CA GLY C 168 18.55 -3.84 8.89
C GLY C 168 19.41 -4.10 10.11
N VAL C 169 19.75 -5.36 10.36
CA VAL C 169 20.69 -5.69 11.42
C VAL C 169 22.09 -5.18 11.08
N LEU C 170 22.48 -5.31 9.81
CA LEU C 170 23.79 -4.83 9.38
C LEU C 170 23.94 -3.33 9.62
N ALA C 171 22.86 -2.57 9.41
CA ALA C 171 22.90 -1.12 9.58
C ALA C 171 22.69 -0.69 11.03
N ASP C 172 22.32 -1.60 11.92
CA ASP C 172 22.14 -1.28 13.32
C ASP C 172 23.51 -1.04 13.95
N ILE C 173 23.77 0.19 14.39
CA ILE C 173 25.07 0.53 14.96
C ILE C 173 25.31 -0.24 16.25
N GLU C 174 24.26 -0.52 17.01
CA GLU C 174 24.36 -1.27 18.26
C GLU C 174 24.13 -2.77 18.07
N ALA C 175 24.36 -3.30 16.88
CA ALA C 175 24.03 -4.69 16.60
C ALA C 175 24.86 -5.64 17.45
N GLU C 176 26.18 -5.42 17.51
CA GLU C 176 27.05 -6.33 18.26
C GLU C 176 26.76 -6.26 19.76
N ASP C 177 26.33 -5.11 20.26
CA ASP C 177 25.90 -5.03 21.65
C ASP C 177 24.70 -5.93 21.90
N LEU C 178 23.77 -5.99 20.95
CA LEU C 178 22.58 -6.82 21.09
C LEU C 178 22.91 -8.30 21.02
N ALA C 179 23.96 -8.67 20.27
CA ALA C 179 24.34 -10.07 20.13
C ALA C 179 24.87 -10.66 21.43
N ARG C 180 25.12 -9.84 22.45
CA ARG C 180 25.55 -10.38 23.74
C ARG C 180 24.41 -11.06 24.48
N GLU C 181 23.18 -10.60 24.27
CA GLU C 181 22.03 -11.17 24.95
C GLU C 181 21.51 -12.39 24.20
N ALA C 182 21.14 -13.42 24.95
CA ALA C 182 20.61 -14.63 24.35
C ALA C 182 19.30 -14.37 23.61
N SER C 183 18.55 -13.34 24.04
CA SER C 183 17.28 -13.02 23.39
C SER C 183 17.46 -12.57 21.95
N PHE C 184 18.67 -12.13 21.57
CA PHE C 184 18.91 -11.70 20.19
C PHE C 184 18.69 -12.84 19.21
N ALA C 185 19.49 -13.91 19.34
CA ALA C 185 19.32 -15.06 18.47
C ALA C 185 17.98 -15.73 18.68
N GLN C 186 17.44 -15.68 19.91
CA GLN C 186 16.12 -16.24 20.16
C GLN C 186 15.04 -15.47 19.43
N GLY C 187 15.17 -14.14 19.37
CA GLY C 187 14.21 -13.35 18.61
C GLY C 187 14.33 -13.58 17.11
N LEU C 188 15.56 -13.64 16.61
CA LEU C 188 15.76 -13.94 15.19
C LEU C 188 15.24 -15.33 14.85
N ARG C 189 15.41 -16.28 15.77
CA ARG C 189 14.95 -17.65 15.52
C ARG C 189 13.43 -17.70 15.40
N ALA C 190 12.73 -17.02 16.30
CA ALA C 190 11.27 -16.97 16.22
C ALA C 190 10.81 -16.19 14.99
N MET C 191 11.58 -15.18 14.59
CA MET C 191 11.19 -14.37 13.43
C MET C 191 11.43 -15.11 12.13
N ILE C 192 12.59 -15.76 11.99
CA ILE C 192 12.90 -16.48 10.76
C ILE C 192 12.08 -17.77 10.69
N GLY C 193 11.91 -18.45 11.82
CA GLY C 193 11.07 -19.64 11.83
C GLY C 193 9.62 -19.33 11.52
N GLY C 194 9.17 -18.12 11.82
CA GLY C 194 7.79 -17.74 11.54
C GLY C 194 7.54 -17.58 10.04
N ILE C 195 8.44 -16.90 9.35
CA ILE C 195 8.29 -16.71 7.91
C ILE C 195 8.46 -18.02 7.16
N LEU C 196 9.13 -19.00 7.75
CA LEU C 196 9.28 -20.31 7.15
C LEU C 196 8.23 -21.28 7.73
N SER D 57 26.61 23.97 11.05
CA SER D 57 27.27 22.68 11.01
C SER D 57 26.35 21.61 10.43
N LYS D 58 26.94 20.57 9.83
CA LYS D 58 26.15 19.49 9.26
C LYS D 58 25.45 18.68 10.34
N GLU D 59 26.06 18.58 11.54
CA GLU D 59 25.46 17.80 12.61
C GLU D 59 24.17 18.41 13.11
N ALA D 60 24.11 19.75 13.15
CA ALA D 60 22.89 20.41 13.63
C ALA D 60 21.75 20.24 12.64
N LEU D 61 22.04 20.28 11.34
CA LEU D 61 21.00 20.05 10.34
C LEU D 61 20.52 18.60 10.38
N ILE D 62 21.43 17.66 10.62
CA ILE D 62 21.04 16.26 10.68
C ILE D 62 20.16 15.99 11.90
N GLN D 63 20.45 16.66 13.02
CA GLN D 63 19.64 16.49 14.22
C GLN D 63 18.21 16.95 13.98
N ALA D 64 18.04 18.05 13.23
CA ALA D 64 16.70 18.52 12.92
C ALA D 64 15.95 17.52 12.04
N ILE D 65 16.64 16.91 11.08
CA ILE D 65 16.01 15.91 10.23
C ILE D 65 15.67 14.66 11.04
N ILE D 66 16.54 14.28 11.97
CA ILE D 66 16.30 13.08 12.78
C ILE D 66 15.05 13.26 13.62
N LEU D 67 14.86 14.45 14.22
CA LEU D 67 13.65 14.70 14.99
C LEU D 67 12.40 14.66 14.13
N GLN D 68 12.52 15.08 12.87
CA GLN D 68 11.38 15.01 11.96
C GLN D 68 11.08 13.57 11.57
N ASP D 69 12.12 12.78 11.29
CA ASP D 69 11.92 11.36 10.99
C ASP D 69 11.35 10.63 12.21
N GLN D 70 11.87 10.95 13.40
CA GLN D 70 11.36 10.32 14.61
C GLN D 70 9.89 10.65 14.84
N GLU D 71 9.48 11.87 14.50
CA GLU D 71 8.09 12.27 14.70
C GLU D 71 7.14 11.48 13.81
N ARG D 72 7.56 11.15 12.60
CA ARG D 72 6.73 10.33 11.72
C ARG D 72 6.56 8.92 12.27
N ALA D 73 7.61 8.38 12.91
CA ALA D 73 7.51 7.08 13.53
C ALA D 73 6.66 7.13 14.80
N LEU D 74 6.83 8.18 15.60
CA LEU D 74 6.04 8.31 16.82
C LEU D 74 4.56 8.50 16.51
N ALA D 75 4.25 9.13 15.38
CA ALA D 75 2.85 9.30 14.99
C ALA D 75 2.16 7.97 14.74
N ARG D 76 2.92 6.91 14.49
CA ARG D 76 2.33 5.60 14.26
C ARG D 76 2.05 4.84 15.56
N PHE D 77 2.75 5.18 16.65
CA PHE D 77 2.70 4.37 17.87
C PHE D 77 2.41 5.14 19.15
N ARG D 78 2.15 6.45 19.08
CA ARG D 78 1.96 7.21 20.32
C ARG D 78 0.58 7.00 20.94
N GLU D 79 -0.46 6.81 20.13
CA GLU D 79 -1.77 6.60 20.75
C GLU D 79 -2.13 5.12 20.78
N PRO D 80 -3.05 4.75 21.68
CA PRO D 80 -3.47 3.34 21.77
C PRO D 80 -4.07 2.84 20.46
N ILE D 81 -3.72 1.61 20.11
CA ILE D 81 -4.25 0.96 18.91
C ILE D 81 -5.59 0.33 19.25
N GLU D 82 -6.66 0.82 18.63
CA GLU D 82 -8.00 0.34 18.91
C GLU D 82 -8.64 -0.19 17.65
N GLY D 83 -9.13 -1.42 17.71
CA GLY D 83 -9.80 -2.04 16.60
C GLY D 83 -8.89 -2.69 15.57
N ILE D 84 -7.61 -2.85 15.87
CA ILE D 84 -6.65 -3.47 14.96
C ILE D 84 -5.77 -4.40 15.77
N HIS D 85 -5.74 -5.68 15.38
CA HIS D 85 -4.83 -6.63 16.00
C HIS D 85 -3.39 -6.14 15.84
N PHE D 86 -2.60 -6.30 16.90
CA PHE D 86 -1.25 -5.72 16.92
C PHE D 86 -0.40 -6.23 15.77
N VAL D 87 -0.57 -7.51 15.41
CA VAL D 87 0.19 -8.06 14.28
C VAL D 87 -0.21 -7.36 12.99
N ASP D 88 -1.52 -7.15 12.79
CA ASP D 88 -1.98 -6.43 11.61
C ASP D 88 -1.49 -4.99 11.60
N TYR D 89 -1.35 -4.37 12.78
CA TYR D 89 -0.90 -2.98 12.83
C TYR D 89 0.58 -2.87 12.50
N MET D 90 1.39 -3.85 12.94
CA MET D 90 2.81 -3.81 12.62
C MET D 90 3.05 -4.05 11.13
N VAL D 91 2.29 -4.97 10.53
CA VAL D 91 2.37 -5.17 9.08
C VAL D 91 1.94 -3.90 8.36
N GLU D 92 0.87 -3.27 8.83
CA GLU D 92 0.40 -2.03 8.22
C GLU D 92 1.47 -0.95 8.26
N SER D 93 2.15 -0.81 9.41
CA SER D 93 3.13 0.26 9.57
C SER D 93 4.32 0.07 8.64
N ILE D 94 4.76 -1.18 8.45
CA ILE D 94 5.93 -1.43 7.61
C ILE D 94 5.57 -1.30 6.14
N VAL D 95 4.41 -1.83 5.74
CA VAL D 95 3.96 -1.69 4.36
C VAL D 95 3.71 -0.22 4.03
N SER D 96 3.17 0.53 4.99
CA SER D 96 2.81 1.93 4.74
C SER D 96 4.02 2.77 4.37
N LEU D 97 5.18 2.49 4.97
CA LEU D 97 6.36 3.31 4.72
C LEU D 97 6.91 3.12 3.32
N THR D 98 6.61 2.00 2.65
CA THR D 98 7.08 1.80 1.29
C THR D 98 6.43 2.74 0.30
N HIS D 99 5.33 3.41 0.68
CA HIS D 99 4.64 4.35 -0.19
C HIS D 99 4.94 5.80 0.14
N GLU D 100 5.78 6.06 1.13
CA GLU D 100 6.19 7.42 1.42
C GLU D 100 7.17 7.90 0.35
N ALA D 101 7.38 9.21 0.30
CA ALA D 101 8.23 9.82 -0.71
C ALA D 101 9.62 9.19 -0.70
N PHE D 102 10.08 8.78 -1.89
CA PHE D 102 11.35 8.06 -1.99
C PHE D 102 12.51 8.92 -1.51
N GLY D 103 12.49 10.22 -1.83
CA GLY D 103 13.53 11.11 -1.34
C GLY D 103 13.55 11.21 0.17
N GLN D 104 12.39 11.05 0.81
CA GLN D 104 12.34 11.05 2.28
C GLN D 104 12.99 9.80 2.85
N ARG D 105 12.76 8.64 2.22
CA ARG D 105 13.42 7.42 2.65
C ARG D 105 14.92 7.47 2.39
N ALA D 106 15.32 8.07 1.27
CA ALA D 106 16.73 8.16 0.93
C ALA D 106 17.49 8.97 1.96
N LEU D 107 16.86 10.02 2.51
CA LEU D 107 17.52 10.84 3.51
C LEU D 107 17.72 10.07 4.81
N VAL D 108 16.76 9.25 5.19
CA VAL D 108 16.90 8.43 6.39
C VAL D 108 18.11 7.51 6.28
N VAL D 109 18.29 6.89 5.11
CA VAL D 109 19.39 5.96 4.94
C VAL D 109 20.72 6.70 4.82
N GLU D 110 20.71 7.90 4.24
CA GLU D 110 21.92 8.71 4.20
C GLU D 110 22.41 9.04 5.60
N ILE D 111 21.47 9.30 6.51
CA ILE D 111 21.85 9.63 7.89
C ILE D 111 22.31 8.38 8.63
N MET D 112 21.65 7.24 8.38
CA MET D 112 22.09 5.99 8.99
C MET D 112 23.51 5.65 8.57
N ALA D 113 23.85 5.91 7.30
CA ALA D 113 25.22 5.68 6.85
C ALA D 113 26.18 6.69 7.47
N GLU D 114 25.74 7.93 7.63
CA GLU D 114 26.57 8.94 8.29
C GLU D 114 26.84 8.56 9.74
N GLY D 115 25.86 7.98 10.42
CA GLY D 115 26.03 7.60 11.81
C GLY D 115 27.07 6.51 12.03
N MET D 116 27.36 5.72 11.00
CA MET D 116 28.35 4.65 11.12
C MET D 116 29.77 5.13 10.91
N ARG D 117 29.97 6.40 10.56
CA ARG D 117 31.29 7.01 10.48
C ARG D 117 31.38 8.31 11.24
N ASN D 118 30.33 8.70 11.94
CA ASN D 118 30.28 9.96 12.70
C ASN D 118 29.76 9.66 14.09
N PRO D 119 30.61 9.71 15.12
CA PRO D 119 30.13 9.39 16.47
C PRO D 119 29.07 10.35 16.97
N GLN D 120 29.12 11.63 16.56
CA GLN D 120 28.09 12.58 16.96
C GLN D 120 26.72 12.16 16.41
N VAL D 121 26.67 11.78 15.14
CA VAL D 121 25.41 11.37 14.54
C VAL D 121 24.93 10.05 15.12
N ALA D 122 25.87 9.14 15.44
CA ALA D 122 25.50 7.87 16.03
C ALA D 122 24.82 8.04 17.38
N ALA D 123 25.25 9.05 18.16
CA ALA D 123 24.59 9.32 19.44
C ALA D 123 23.16 9.80 19.22
N MET D 124 22.93 10.59 18.18
CA MET D 124 21.57 11.05 17.87
C MET D 124 20.69 9.88 17.42
N LEU D 125 21.23 8.99 16.59
CA LEU D 125 20.47 7.83 16.15
C LEU D 125 20.18 6.88 17.31
N LYS D 126 21.07 6.81 18.29
CA LYS D 126 20.81 6.01 19.48
C LYS D 126 19.60 6.54 20.24
N ASN D 127 19.51 7.88 20.37
CA ASN D 127 18.35 8.47 21.04
C ASN D 127 17.07 8.26 20.23
N LYS D 128 17.15 8.41 18.91
CA LYS D 128 15.97 8.24 18.07
C LYS D 128 15.44 6.81 18.15
N HIS D 129 16.31 5.82 17.94
CA HIS D 129 15.87 4.43 17.94
C HIS D 129 15.41 4.00 19.32
N MET D 130 16.02 4.52 20.39
CA MET D 130 15.56 4.20 21.73
C MET D 130 14.16 4.77 21.99
N THR D 131 13.89 5.97 21.50
CA THR D 131 12.57 6.57 21.66
C THR D 131 11.51 5.75 20.94
N ILE D 132 11.79 5.32 19.71
CA ILE D 132 10.81 4.60 18.92
C ILE D 132 10.52 3.23 19.51
N THR D 133 11.55 2.51 19.94
CA THR D 133 11.35 1.17 20.48
C THR D 133 10.56 1.21 21.79
N GLU D 134 10.68 2.31 22.55
CA GLU D 134 9.91 2.43 23.79
C GLU D 134 8.41 2.55 23.51
N PHE D 135 8.04 3.20 22.41
CA PHE D 135 6.62 3.31 22.07
C PHE D 135 6.10 2.02 21.45
N VAL D 136 6.91 1.35 20.63
CA VAL D 136 6.51 0.06 20.09
C VAL D 136 6.33 -0.96 21.20
N ALA D 137 7.21 -0.90 22.21
CA ALA D 137 7.10 -1.82 23.34
C ALA D 137 5.84 -1.54 24.16
N GLN D 138 5.45 -0.26 24.25
CA GLN D 138 4.26 0.08 25.01
C GLN D 138 2.99 -0.40 24.29
N ARG D 139 2.94 -0.22 22.97
CA ARG D 139 1.84 -0.80 22.23
C ARG D 139 1.87 -2.32 22.26
N MET D 140 3.07 -2.90 22.38
CA MET D 140 3.19 -4.34 22.53
C MET D 140 2.66 -4.81 23.89
N ARG D 141 2.88 -4.00 24.93
CA ARG D 141 2.35 -4.35 26.24
C ARG D 141 0.84 -4.20 26.29
N ASP D 142 0.29 -3.21 25.57
CA ASP D 142 -1.15 -3.10 25.44
C ASP D 142 -1.75 -4.35 24.80
N ALA D 143 -1.08 -4.89 23.78
CA ALA D 143 -1.58 -6.08 23.11
C ALA D 143 -1.47 -7.32 24.00
N GLN D 144 -0.42 -7.39 24.81
CA GLN D 144 -0.32 -8.48 25.78
C GLN D 144 -1.47 -8.42 26.77
N GLN D 145 -1.79 -7.23 27.27
CA GLN D 145 -2.90 -7.08 28.21
C GLN D 145 -4.22 -7.48 27.56
N LYS D 146 -4.42 -7.09 26.30
CA LYS D 146 -5.61 -7.50 25.56
C LYS D 146 -5.55 -8.95 25.10
N GLY D 147 -4.49 -9.67 25.44
CA GLY D 147 -4.41 -11.09 25.12
C GLY D 147 -4.19 -11.40 23.65
N GLU D 148 -3.72 -10.43 22.87
CA GLU D 148 -3.50 -10.67 21.44
C GLU D 148 -2.17 -11.37 21.17
N ILE D 149 -1.19 -11.26 22.06
CA ILE D 149 0.11 -11.89 21.89
C ILE D 149 0.58 -12.44 23.23
N SER D 150 1.68 -13.17 23.18
CA SER D 150 2.19 -13.88 24.34
C SER D 150 2.54 -12.91 25.47
N PRO D 151 2.34 -13.32 26.73
CA PRO D 151 2.84 -12.54 27.86
C PRO D 151 4.30 -12.79 28.18
N ASP D 152 4.91 -13.83 27.61
CA ASP D 152 6.30 -14.17 27.86
C ASP D 152 7.25 -13.55 26.86
N ILE D 153 6.80 -12.58 26.06
CA ILE D 153 7.62 -11.98 25.02
C ILE D 153 8.58 -10.97 25.64
N ASN D 154 9.83 -11.00 25.19
CA ASN D 154 10.82 -9.98 25.53
C ASN D 154 10.54 -8.75 24.68
N THR D 155 9.74 -7.82 25.22
CA THR D 155 9.27 -6.69 24.43
C THR D 155 10.41 -5.75 24.04
N ALA D 156 11.45 -5.64 24.87
CA ALA D 156 12.55 -4.74 24.54
C ALA D 156 13.36 -5.24 23.36
N MET D 157 13.72 -6.53 23.36
CA MET D 157 14.48 -7.08 22.25
C MET D 157 13.60 -7.26 21.02
N THR D 158 12.33 -7.63 21.22
CA THR D 158 11.42 -7.80 20.08
C THR D 158 11.19 -6.47 19.36
N SER D 159 11.01 -5.39 20.11
CA SER D 159 10.81 -4.08 19.49
C SER D 159 12.03 -3.64 18.70
N ARG D 160 13.23 -3.94 19.23
CA ARG D 160 14.45 -3.57 18.51
C ARG D 160 14.60 -4.37 17.23
N LEU D 161 14.27 -5.66 17.27
CA LEU D 161 14.35 -6.46 16.06
C LEU D 161 13.27 -6.07 15.05
N LEU D 162 12.11 -5.62 15.54
CA LEU D 162 11.09 -5.11 14.63
C LEU D 162 11.54 -3.83 13.95
N LEU D 163 12.23 -2.96 14.69
CA LEU D 163 12.71 -1.71 14.10
C LEU D 163 13.83 -1.98 13.10
N ASP D 164 14.68 -2.97 13.36
CA ASP D 164 15.72 -3.32 12.40
C ASP D 164 15.12 -3.86 11.11
N LEU D 165 14.11 -4.72 11.22
CA LEU D 165 13.39 -5.18 10.03
C LEU D 165 12.75 -4.00 9.30
N THR D 166 12.28 -3.00 10.05
CA THR D 166 11.64 -1.84 9.45
C THR D 166 12.63 -1.04 8.61
N TYR D 167 13.81 -0.78 9.16
CA TYR D 167 14.81 -0.01 8.42
C TYR D 167 15.37 -0.79 7.24
N GLY D 168 15.39 -2.13 7.34
CA GLY D 168 15.81 -2.93 6.19
C GLY D 168 14.85 -2.81 5.02
N VAL D 169 13.55 -2.72 5.33
CA VAL D 169 12.56 -2.49 4.28
C VAL D 169 12.65 -1.06 3.77
N LEU D 170 12.84 -0.11 4.68
CA LEU D 170 12.96 1.29 4.29
C LEU D 170 14.13 1.52 3.34
N ALA D 171 15.22 0.78 3.53
CA ALA D 171 16.40 0.94 2.70
C ALA D 171 16.34 0.15 1.39
N ASP D 172 15.36 -0.73 1.23
CA ASP D 172 15.21 -1.48 0.00
C ASP D 172 14.71 -0.55 -1.11
N ILE D 173 15.54 -0.33 -2.13
CA ILE D 173 15.17 0.57 -3.22
C ILE D 173 13.92 0.08 -3.93
N GLU D 174 13.73 -1.23 -4.01
CA GLU D 174 12.57 -1.82 -4.68
C GLU D 174 11.46 -2.22 -3.72
N ALA D 175 11.42 -1.61 -2.53
CA ALA D 175 10.40 -1.99 -1.55
C ALA D 175 8.99 -1.72 -2.08
N GLU D 176 8.82 -0.62 -2.83
CA GLU D 176 7.49 -0.29 -3.34
C GLU D 176 7.03 -1.27 -4.41
N ASP D 177 7.95 -1.79 -5.22
CA ASP D 177 7.58 -2.78 -6.22
C ASP D 177 7.15 -4.09 -5.55
N LEU D 178 7.87 -4.50 -4.51
CA LEU D 178 7.49 -5.72 -3.78
C LEU D 178 6.14 -5.56 -3.11
N ALA D 179 5.81 -4.35 -2.66
CA ALA D 179 4.56 -4.10 -1.95
C ALA D 179 3.33 -4.31 -2.83
N ARG D 180 3.49 -4.38 -4.15
CA ARG D 180 2.36 -4.58 -5.04
C ARG D 180 1.85 -6.01 -5.05
N GLU D 181 2.59 -6.95 -4.45
CA GLU D 181 2.20 -8.36 -4.39
C GLU D 181 1.78 -8.71 -2.97
N ALA D 182 0.67 -9.43 -2.85
CA ALA D 182 0.15 -9.79 -1.54
C ALA D 182 1.10 -10.68 -0.74
N SER D 183 2.03 -11.37 -1.42
CA SER D 183 3.02 -12.16 -0.71
C SER D 183 3.98 -11.31 0.11
N PHE D 184 4.07 -10.01 -0.18
CA PHE D 184 4.91 -9.13 0.62
C PHE D 184 4.36 -8.97 2.03
N ALA D 185 3.09 -8.58 2.14
CA ALA D 185 2.47 -8.46 3.46
C ALA D 185 2.34 -9.81 4.14
N GLN D 186 2.18 -10.90 3.37
CA GLN D 186 2.11 -12.22 3.97
C GLN D 186 3.43 -12.60 4.63
N GLY D 187 4.55 -12.33 3.96
CA GLY D 187 5.85 -12.62 4.56
C GLY D 187 6.08 -11.84 5.84
N LEU D 188 5.73 -10.54 5.83
CA LEU D 188 5.81 -9.75 7.05
C LEU D 188 4.85 -10.27 8.11
N ARG D 189 3.66 -10.70 7.68
CA ARG D 189 2.67 -11.24 8.61
C ARG D 189 3.22 -12.47 9.32
N ALA D 190 3.77 -13.42 8.56
CA ALA D 190 4.36 -14.60 9.17
C ALA D 190 5.60 -14.25 9.99
N MET D 191 6.37 -13.27 9.52
CA MET D 191 7.58 -12.85 10.22
C MET D 191 7.25 -12.26 11.58
N ILE D 192 6.32 -11.30 11.62
CA ILE D 192 6.02 -10.59 12.85
C ILE D 192 5.23 -11.48 13.80
N GLY D 193 4.27 -12.25 13.27
CA GLY D 193 3.54 -13.17 14.12
C GLY D 193 4.42 -14.26 14.71
N GLY D 194 5.51 -14.58 14.03
CA GLY D 194 6.43 -15.59 14.56
C GLY D 194 7.17 -15.11 15.80
N ILE D 195 7.58 -13.84 15.80
CA ILE D 195 8.31 -13.31 16.95
C ILE D 195 7.36 -12.85 18.06
N LEU D 196 6.08 -12.65 17.75
CA LEU D 196 5.12 -12.21 18.75
C LEU D 196 4.32 -13.35 19.38
N THR D 197 4.19 -14.48 18.69
CA THR D 197 3.49 -15.63 19.25
C THR D 197 4.37 -16.87 19.22
C6 C3G E . -24.89 11.13 -4.69
C15 C3G E . -25.75 8.67 -0.28
C17 C3G E . -25.21 6.55 0.73
C3 C3G E . -28.45 9.82 -5.17
C2 C3G E . -28.72 9.57 -3.75
C1 C3G E . -27.50 8.98 -3.01
C5 C3G E . -26.02 10.12 -4.62
C4 C3G E . -27.26 10.69 -5.34
C14 C3G E . -26.97 8.14 -0.78
C16 C3G E . -24.89 7.86 0.47
C18 C3G E . -26.45 6.01 0.22
C19 C3G E . -27.31 6.81 -0.52
N20 C3G E . -24.33 5.74 1.49
O3 C3G E . -29.63 10.46 -5.78
O2 C3G E . -29.85 8.64 -3.62
O5 C3G E . -26.28 9.80 -3.21
O4 C3G E . -26.99 10.81 -6.71
O6A C3G E . -24.63 11.70 -5.76
O6B C3G E . -24.19 11.39 -3.60
O1 C3G E . -27.84 8.96 -1.52
O21 C3G E . -23.02 6.25 1.89
O22 C3G E . -24.64 4.67 1.80
C6 C3G F . -10.04 -2.82 -13.48
C15 C3G F . -8.61 -5.80 -7.95
C17 C3G F . -10.85 -6.66 -7.75
C3 C3G F . -6.57 -2.27 -11.96
C2 C3G F . -6.44 -3.57 -11.28
C1 C3G F . -7.80 -4.06 -10.71
C5 C3G F . -8.98 -2.74 -12.39
C4 C3G F . -7.63 -2.30 -13.01
C14 C3G F . -8.70 -5.86 -9.37
C16 C3G F . -9.69 -6.20 -7.16
C18 C3G F . -10.94 -6.74 -9.17
C19 C3G F . -9.87 -6.34 -9.97
N20 C3G F . -11.95 -7.07 -6.93
O3 C3G F . -5.28 -1.93 -12.58
O2 C3G F . -5.48 -3.46 -10.17
O5 C3G F . -8.87 -4.05 -11.74
O4 C3G F . -7.76 -1.02 -13.55
O6A C3G F . -10.17 -1.88 -14.28
O6B C3G F . -10.83 -3.88 -13.56
O1 C3G F . -7.61 -5.47 -10.18
O21 C3G F . -11.86 -6.94 -5.49
O22 C3G F . -12.91 -7.49 -7.42
C6 C3G G . 26.18 -8.08 2.01
C15 C3G G . 24.27 -13.12 5.55
C17 C3G G . 22.04 -13.13 4.64
C3 C3G G . 28.54 -9.51 4.66
C2 C3G G . 28.06 -10.90 4.63
C1 C3G G . 26.53 -11.00 4.38
C5 C3G G . 26.57 -8.82 3.28
C4 C3G G . 28.10 -8.74 3.47
C14 C3G G . 24.79 -12.67 4.30
C16 C3G G . 22.90 -13.35 5.70
C18 C3G G . 22.56 -12.68 3.38
C19 C3G G . 23.93 -12.46 3.22
N20 C3G G . 20.65 -13.36 4.80
O3 C3G G . 30.02 -9.52 4.73
O2 C3G G . 28.38 -11.55 5.91
O5 C3G G . 26.10 -10.19 3.21
O4 C3G G . 28.48 -7.41 3.63
O6A C3G G . 26.76 -6.93 1.71
O6B C3G G . 25.32 -8.56 1.26
O1 C3G G . 26.17 -12.46 4.14
O21 C3G G . 20.14 -13.81 6.10
O22 C3G G . 19.92 -13.18 3.93
C6 C3G H . 12.03 6.36 10.76
C15 C3G H . 8.63 3.15 12.76
C17 C3G H . 8.25 0.79 12.75
C3 C3G H . 9.03 6.82 8.43
C2 C3G H . 8.02 6.21 9.30
C1 C3G H . 8.57 4.99 10.09
C5 C3G H . 10.84 5.95 9.92
C4 C3G H . 10.26 7.18 9.19
C14 C3G H . 7.76 3.31 11.64
C16 C3G H . 8.87 1.88 13.29
C18 C3G H . 7.38 0.93 11.62
C19 C3G H . 7.14 2.19 11.09
N20 C3G H . 8.50 -0.50 13.31
O3 C3G H . 8.47 8.03 7.82
O2 C3G H . 6.88 5.77 8.49
O5 C3G H . 9.84 5.31 10.79
O4 C3G H . 11.21 7.68 8.31
O6A C3G H . 12.93 7.21 10.25
O6B C3G H . 12.17 5.93 11.91
O1 C3G H . 7.52 4.59 11.11
O21 C3G H . 9.37 -0.64 14.47
O22 C3G H . 8.00 -1.44 12.85
#